data_2C6F
#
_entry.id   2C6F
#
_cell.length_a   101.120
_cell.length_b   211.320
_cell.length_c   171.270
_cell.angle_alpha   90.00
_cell.angle_beta   90.00
_cell.angle_gamma   90.00
#
_symmetry.space_group_name_H-M   'C 2 2 21'
#
loop_
_entity.id
_entity.type
_entity.pdbx_description
1 polymer 'ANGIOTENSIN-CONVERTING ENZYME, SOMATIC ISOFORM'
2 branched 2-acetamido-2-deoxy-beta-D-glucopyranose-(1-4)-2-acetamido-2-deoxy-beta-D-glucopyranose
3 non-polymer 2-acetamido-2-deoxy-beta-D-glucopyranose
4 non-polymer 'ZINC ION'
5 non-polymer 'ACETATE ION'
6 non-polymer GLYCEROL
7 non-polymer 'CHLORIDE ION'
8 water water
#
_entity_poly.entity_id   1
_entity_poly.type   'polypeptide(L)'
_entity_poly.pdbx_seq_one_letter_code
;LDPGLQPGNFSADEAGAQLFAQSYNSSAEQVLFQSVAASWAHDTNITAENARRQEEAALLSQEFAEAWGQKAKELYEPIW
QNFTDPQLRRIIGAVRTLGSANLPLAKRQQYNALLSNMSRIYSTAKVCLPNKTATCWSLDPDLTNILASSRSYAMLLFAW
EGWHNAAGIPLKPLYEDFTALSNEAYKQDGFTDTGAYWRSWYNSPTFEDDLEHLYQQLEPLYLNLHAFVRRALHRRYGDR
YINLRGPIPAHLLGDMWAQSWENIYDMVVPFPDKPNLDVTSTMLQQGWNATHMFRVAEEFFTSLELSPMPPEFWEGSMLE
KPADGREVVCHASAWDFYNRKDFRIKQCTRVTMDQLSTVHHEMGHIQYYLQYKDLPVSLRRGANPGFHEAIGDVLALSVS
TPEHLHKIGLLDRVTNDTESDINYLLKMALEKIAFLPFGYLVDQWRWGVFSGRTPPSRYNFDWWYLRTKYQGICPPVTRN
ETHFDAGAKFHVPNVTPYIRYFVSFVLQFQFHEALCKEAGYEGPLHQCDIYRSTKAGAKLRKVLQAGSSRPWQEVLKDMV
GLDALDAQPLLKYFQPVTQWLQEQNQQNGEVLGWPEYQWHPPLPDNYPEGID
;
_entity_poly.pdbx_strand_id   A,B
#
# COMPACT_ATOMS: atom_id res chain seq x y z
N LEU A 1 -55.22 -11.95 9.31
CA LEU A 1 -56.59 -11.37 9.29
C LEU A 1 -57.37 -11.89 8.08
N ASP A 2 -57.38 -11.10 7.01
CA ASP A 2 -58.09 -11.47 5.80
C ASP A 2 -57.85 -12.94 5.45
N PRO A 3 -58.90 -13.70 5.13
CA PRO A 3 -58.77 -15.11 4.78
C PRO A 3 -58.06 -15.37 3.46
N GLY A 4 -58.22 -14.44 2.52
CA GLY A 4 -57.58 -14.58 1.22
C GLY A 4 -56.07 -14.52 1.26
N LEU A 5 -55.50 -14.05 2.37
CA LEU A 5 -54.06 -13.95 2.52
C LEU A 5 -53.51 -15.06 3.38
N GLN A 6 -54.41 -15.88 3.89
CA GLN A 6 -54.03 -16.98 4.75
C GLN A 6 -53.28 -18.01 3.86
N PRO A 7 -52.45 -18.86 4.49
CA PRO A 7 -51.69 -19.88 3.73
C PRO A 7 -52.38 -20.65 2.60
N GLY A 8 -53.07 -21.73 2.99
CA GLY A 8 -53.73 -22.61 2.02
C GLY A 8 -53.45 -24.00 2.56
N ASN A 9 -52.85 -24.87 1.76
CA ASN A 9 -52.52 -26.22 2.22
C ASN A 9 -51.71 -26.92 1.14
N PHE A 10 -50.67 -27.57 1.63
CA PHE A 10 -49.67 -28.13 0.77
C PHE A 10 -49.04 -29.45 1.18
N SER A 11 -48.37 -30.07 0.21
CA SER A 11 -47.67 -31.36 0.36
C SER A 11 -46.38 -31.20 1.12
N ALA A 12 -46.13 -32.14 2.02
CA ALA A 12 -44.92 -32.05 2.80
C ALA A 12 -43.76 -32.51 1.93
N ASP A 13 -43.88 -32.16 0.65
CA ASP A 13 -42.92 -32.48 -0.40
C ASP A 13 -42.13 -31.28 -0.78
N GLU A 14 -41.10 -31.51 -1.58
CA GLU A 14 -40.32 -30.40 -2.05
C GLU A 14 -41.12 -29.78 -3.21
N ALA A 15 -41.97 -30.58 -3.84
CA ALA A 15 -42.80 -30.11 -4.95
C ALA A 15 -43.94 -29.32 -4.35
N GLY A 16 -44.25 -29.63 -3.10
CA GLY A 16 -45.29 -28.91 -2.41
C GLY A 16 -44.73 -27.53 -2.09
N ALA A 17 -43.53 -27.52 -1.53
CA ALA A 17 -42.84 -26.29 -1.15
C ALA A 17 -42.67 -25.33 -2.33
N GLN A 18 -42.28 -25.86 -3.49
CA GLN A 18 -42.12 -25.02 -4.66
C GLN A 18 -43.42 -24.27 -4.87
N LEU A 19 -44.53 -24.92 -4.54
CA LEU A 19 -45.86 -24.33 -4.69
C LEU A 19 -46.15 -23.38 -3.53
N PHE A 20 -45.84 -23.84 -2.31
CA PHE A 20 -46.02 -23.06 -1.10
C PHE A 20 -45.40 -21.67 -1.29
N ALA A 21 -44.15 -21.67 -1.77
CA ALA A 21 -43.43 -20.43 -2.00
C ALA A 21 -44.05 -19.60 -3.11
N GLN A 22 -44.49 -20.26 -4.18
CA GLN A 22 -45.10 -19.55 -5.30
C GLN A 22 -46.29 -18.75 -4.81
N SER A 23 -47.04 -19.34 -3.87
CA SER A 23 -48.24 -18.72 -3.30
C SER A 23 -47.86 -17.54 -2.40
N TYR A 24 -47.08 -17.85 -1.36
CA TYR A 24 -46.61 -16.86 -0.40
C TYR A 24 -46.20 -15.55 -1.07
N ASN A 25 -45.46 -15.68 -2.16
CA ASN A 25 -44.96 -14.56 -2.92
C ASN A 25 -46.04 -13.59 -3.42
N SER A 26 -47.11 -14.17 -3.95
CA SER A 26 -48.19 -13.38 -4.47
C SER A 26 -48.93 -12.63 -3.38
N SER A 27 -49.13 -13.32 -2.25
CA SER A 27 -49.83 -12.77 -1.11
C SER A 27 -48.95 -11.79 -0.34
N ALA A 28 -47.71 -12.21 -0.08
CA ALA A 28 -46.75 -11.39 0.66
C ALA A 28 -46.57 -10.03 0.01
N GLU A 29 -46.59 -9.98 -1.31
CA GLU A 29 -46.43 -8.71 -2.00
C GLU A 29 -47.47 -7.68 -1.57
N GLN A 30 -48.66 -8.18 -1.22
CA GLN A 30 -49.77 -7.32 -0.81
C GLN A 30 -49.53 -6.83 0.61
N VAL A 31 -49.36 -7.79 1.49
CA VAL A 31 -49.12 -7.47 2.86
C VAL A 31 -47.88 -6.61 3.10
N LEU A 32 -46.90 -6.75 2.22
CA LEU A 32 -45.69 -5.97 2.36
C LEU A 32 -45.94 -4.58 1.83
N PHE A 33 -46.62 -4.50 0.69
CA PHE A 33 -46.93 -3.19 0.12
C PHE A 33 -47.65 -2.30 1.12
N GLN A 34 -48.69 -2.84 1.74
CA GLN A 34 -49.47 -2.08 2.70
C GLN A 34 -48.62 -1.56 3.84
N SER A 35 -47.91 -2.46 4.51
CA SER A 35 -47.08 -2.09 5.64
C SER A 35 -46.02 -1.05 5.30
N VAL A 36 -45.51 -1.14 4.06
CA VAL A 36 -44.47 -0.24 3.57
C VAL A 36 -45.04 1.12 3.23
N ALA A 37 -46.21 1.11 2.59
CA ALA A 37 -46.87 2.35 2.19
C ALA A 37 -47.34 3.11 3.43
N ALA A 38 -47.68 2.35 4.47
CA ALA A 38 -48.14 2.92 5.73
C ALA A 38 -47.00 3.73 6.34
N SER A 39 -45.84 3.11 6.39
CA SER A 39 -44.66 3.76 6.94
C SER A 39 -44.36 4.98 6.10
N TRP A 40 -44.38 4.83 4.78
CA TRP A 40 -44.08 5.95 3.90
C TRP A 40 -44.91 7.17 4.22
N ALA A 41 -46.09 6.98 4.82
CA ALA A 41 -46.97 8.10 5.18
C ALA A 41 -46.52 8.71 6.51
N HIS A 42 -46.05 7.85 7.41
CA HIS A 42 -45.59 8.26 8.73
C HIS A 42 -44.26 9.00 8.68
N ASP A 43 -43.32 8.51 7.87
CA ASP A 43 -42.02 9.13 7.76
C ASP A 43 -42.09 10.42 6.98
N THR A 44 -42.85 10.40 5.87
CA THR A 44 -43.01 11.59 5.03
C THR A 44 -44.00 12.54 5.69
N ASN A 45 -44.47 12.14 6.88
CA ASN A 45 -45.38 12.95 7.68
C ASN A 45 -45.60 12.30 9.03
N ILE A 46 -45.17 13.00 10.08
CA ILE A 46 -45.25 12.46 11.43
C ILE A 46 -46.45 12.97 12.19
N THR A 47 -47.51 12.19 12.20
CA THR A 47 -48.73 12.58 12.93
C THR A 47 -49.19 11.37 13.75
N ALA A 48 -49.99 11.63 14.78
CA ALA A 48 -50.49 10.57 15.64
C ALA A 48 -51.34 9.60 14.83
N GLU A 49 -52.10 10.15 13.87
CA GLU A 49 -52.96 9.33 13.00
C GLU A 49 -52.16 8.33 12.18
N ASN A 50 -51.13 8.84 11.49
CA ASN A 50 -50.27 7.99 10.66
C ASN A 50 -49.52 6.93 11.47
N ALA A 51 -49.07 7.31 12.68
CA ALA A 51 -48.36 6.40 13.55
C ALA A 51 -49.24 5.25 13.93
N ARG A 52 -50.46 5.61 14.32
CA ARG A 52 -51.49 4.66 14.70
C ARG A 52 -51.68 3.68 13.55
N ARG A 53 -51.86 4.27 12.37
CA ARG A 53 -52.06 3.50 11.15
C ARG A 53 -50.93 2.50 10.98
N GLN A 54 -49.72 3.04 10.92
CA GLN A 54 -48.52 2.22 10.77
C GLN A 54 -48.58 1.07 11.76
N GLU A 55 -48.68 1.41 13.04
CA GLU A 55 -48.73 0.39 14.09
C GLU A 55 -49.76 -0.69 13.79
N GLU A 56 -50.77 -0.32 13.01
CA GLU A 56 -51.81 -1.27 12.63
C GLU A 56 -51.30 -2.18 11.51
N ALA A 57 -50.85 -1.55 10.44
CA ALA A 57 -50.32 -2.26 9.28
C ALA A 57 -49.26 -3.28 9.69
N ALA A 58 -48.49 -2.93 10.72
CA ALA A 58 -47.45 -3.79 11.25
C ALA A 58 -48.07 -5.07 11.83
N LEU A 59 -49.18 -4.87 12.53
CA LEU A 59 -49.91 -5.97 13.17
C LEU A 59 -50.39 -6.99 12.15
N LEU A 60 -50.75 -6.50 10.96
CA LEU A 60 -51.20 -7.40 9.90
C LEU A 60 -50.00 -8.22 9.46
N SER A 61 -48.93 -7.53 9.07
CA SER A 61 -47.72 -8.21 8.65
C SER A 61 -47.31 -9.24 9.67
N GLN A 62 -47.22 -8.81 10.93
CA GLN A 62 -46.85 -9.76 11.95
C GLN A 62 -47.83 -10.93 11.90
N GLU A 63 -49.09 -10.63 11.60
CA GLU A 63 -50.14 -11.63 11.49
C GLU A 63 -49.81 -12.56 10.32
N PHE A 64 -49.62 -11.95 9.15
CA PHE A 64 -49.28 -12.67 7.92
C PHE A 64 -48.06 -13.56 8.14
N ALA A 65 -46.99 -12.93 8.63
CA ALA A 65 -45.71 -13.58 8.88
C ALA A 65 -45.84 -14.78 9.77
N GLU A 66 -46.76 -14.70 10.72
CA GLU A 66 -46.88 -15.85 11.57
C GLU A 66 -47.56 -17.00 10.89
N ALA A 67 -48.59 -16.67 10.14
CA ALA A 67 -49.35 -17.72 9.48
C ALA A 67 -48.49 -18.59 8.59
N TRP A 68 -47.86 -17.98 7.60
CA TRP A 68 -47.00 -18.74 6.70
C TRP A 68 -45.77 -19.20 7.46
N GLY A 69 -45.40 -18.44 8.48
CA GLY A 69 -44.24 -18.80 9.27
C GLY A 69 -44.40 -20.19 9.88
N GLN A 70 -45.35 -20.30 10.80
CA GLN A 70 -45.62 -21.55 11.49
C GLN A 70 -46.10 -22.65 10.56
N LYS A 71 -46.58 -22.27 9.39
CA LYS A 71 -47.05 -23.25 8.41
C LYS A 71 -45.84 -23.82 7.70
N ALA A 72 -45.04 -22.94 7.10
CA ALA A 72 -43.83 -23.33 6.40
C ALA A 72 -43.02 -24.33 7.24
N LYS A 73 -43.07 -24.17 8.56
CA LYS A 73 -42.33 -25.08 9.44
C LYS A 73 -43.24 -26.19 9.97
N GLU A 74 -44.54 -26.02 9.77
CA GLU A 74 -45.52 -27.02 10.17
C GLU A 74 -45.09 -28.37 9.63
N LEU A 75 -44.65 -28.33 8.39
CA LEU A 75 -44.34 -29.53 7.64
C LEU A 75 -43.09 -29.55 6.74
N TYR A 76 -42.40 -28.42 6.68
CA TYR A 76 -41.27 -28.26 5.81
C TYR A 76 -39.98 -28.06 6.59
N GLU A 77 -40.05 -28.36 7.87
CA GLU A 77 -38.96 -28.10 8.76
C GLU A 77 -37.99 -29.23 9.19
N PRO A 78 -38.35 -30.48 8.90
CA PRO A 78 -37.48 -31.61 9.24
C PRO A 78 -36.83 -32.06 7.94
N ILE A 79 -37.13 -31.34 6.85
CA ILE A 79 -36.64 -31.73 5.52
C ILE A 79 -35.96 -30.65 4.67
N TRP A 80 -36.41 -29.41 4.76
CA TRP A 80 -35.79 -28.34 3.98
C TRP A 80 -34.34 -28.39 4.45
N GLN A 81 -33.43 -27.73 3.74
CA GLN A 81 -32.01 -27.76 4.08
C GLN A 81 -31.47 -29.03 3.43
N ASN A 82 -32.36 -29.77 2.79
CA ASN A 82 -32.01 -30.98 2.07
C ASN A 82 -32.70 -30.95 0.74
N PHE A 83 -33.28 -29.80 0.44
CA PHE A 83 -33.97 -29.60 -0.83
C PHE A 83 -32.92 -29.40 -1.91
N THR A 84 -33.17 -29.89 -3.10
CA THR A 84 -32.24 -29.76 -4.22
C THR A 84 -32.05 -28.31 -4.65
N ASP A 85 -33.15 -27.64 -4.94
CA ASP A 85 -33.12 -26.25 -5.38
C ASP A 85 -32.65 -25.31 -4.27
N PRO A 86 -31.46 -24.71 -4.44
CA PRO A 86 -30.95 -23.81 -3.41
C PRO A 86 -31.85 -22.62 -3.23
N GLN A 87 -32.27 -22.02 -4.34
CA GLN A 87 -33.12 -20.90 -4.14
C GLN A 87 -34.31 -21.29 -3.26
N LEU A 88 -35.05 -22.34 -3.62
CA LEU A 88 -36.19 -22.73 -2.79
C LEU A 88 -35.87 -22.84 -1.29
N ARG A 89 -34.89 -23.63 -0.90
CA ARG A 89 -34.60 -23.76 0.53
C ARG A 89 -34.08 -22.48 1.19
N ARG A 90 -33.67 -21.51 0.38
CA ARG A 90 -33.22 -20.24 0.96
C ARG A 90 -34.44 -19.36 1.21
N ILE A 91 -35.52 -19.64 0.48
CA ILE A 91 -36.79 -18.92 0.62
C ILE A 91 -37.54 -19.49 1.80
N ILE A 92 -37.70 -20.81 1.80
CA ILE A 92 -38.40 -21.46 2.89
C ILE A 92 -37.69 -21.11 4.21
N GLY A 93 -36.36 -21.04 4.14
CA GLY A 93 -35.60 -20.71 5.33
C GLY A 93 -35.80 -19.28 5.79
N ALA A 94 -36.24 -18.42 4.89
CA ALA A 94 -36.49 -17.02 5.21
C ALA A 94 -37.89 -16.90 5.79
N VAL A 95 -38.76 -17.81 5.38
CA VAL A 95 -40.12 -17.80 5.87
C VAL A 95 -40.23 -18.46 7.24
N ARG A 96 -39.44 -19.49 7.50
CA ARG A 96 -39.52 -20.16 8.79
C ARG A 96 -39.05 -19.26 9.94
N THR A 97 -38.47 -18.11 9.59
CA THR A 97 -38.02 -17.17 10.61
C THR A 97 -39.09 -16.09 10.79
N LEU A 98 -39.85 -16.22 11.87
CA LEU A 98 -40.95 -15.33 12.21
C LEU A 98 -40.54 -13.93 12.66
N GLY A 99 -39.45 -13.85 13.41
CA GLY A 99 -39.02 -12.55 13.89
C GLY A 99 -39.92 -12.14 15.04
N SER A 100 -40.49 -10.95 14.90
CA SER A 100 -41.38 -10.34 15.90
C SER A 100 -42.72 -11.02 15.99
N ALA A 101 -43.05 -11.74 14.92
CA ALA A 101 -44.35 -12.38 14.84
C ALA A 101 -44.62 -13.48 15.86
N ASN A 102 -43.56 -13.93 16.54
CA ASN A 102 -43.62 -14.96 17.57
C ASN A 102 -44.00 -14.46 18.90
N LEU A 103 -44.31 -13.19 18.97
CA LEU A 103 -44.62 -12.58 20.23
C LEU A 103 -46.11 -12.49 20.44
N PRO A 104 -46.57 -12.73 21.66
CA PRO A 104 -48.02 -12.63 21.87
C PRO A 104 -48.53 -11.24 21.46
N LEU A 105 -49.81 -11.16 21.08
CA LEU A 105 -50.43 -9.91 20.64
C LEU A 105 -50.06 -8.65 21.43
N ALA A 106 -50.22 -8.70 22.76
CA ALA A 106 -49.91 -7.56 23.61
C ALA A 106 -48.50 -7.08 23.34
N LYS A 107 -47.56 -8.03 23.36
CA LYS A 107 -46.15 -7.75 23.13
C LYS A 107 -45.81 -7.23 21.73
N ARG A 108 -46.54 -7.66 20.71
CA ARG A 108 -46.26 -7.14 19.37
C ARG A 108 -46.59 -5.67 19.39
N GLN A 109 -47.73 -5.37 20.00
CA GLN A 109 -48.21 -4.00 20.10
C GLN A 109 -47.22 -3.12 20.84
N GLN A 110 -46.67 -3.61 21.94
CA GLN A 110 -45.69 -2.85 22.70
C GLN A 110 -44.55 -2.63 21.75
N TYR A 111 -44.10 -3.71 21.13
CA TYR A 111 -43.01 -3.66 20.19
C TYR A 111 -43.28 -2.49 19.21
N ASN A 112 -44.23 -2.67 18.31
CA ASN A 112 -44.53 -1.64 17.32
C ASN A 112 -44.66 -0.22 17.90
N ALA A 113 -45.13 -0.10 19.14
CA ALA A 113 -45.27 1.22 19.75
C ALA A 113 -43.88 1.83 19.96
N LEU A 114 -43.01 1.05 20.60
CA LEU A 114 -41.65 1.47 20.85
C LEU A 114 -41.03 1.99 19.55
N LEU A 115 -41.08 1.16 18.51
CA LEU A 115 -40.52 1.56 17.24
C LEU A 115 -41.00 2.92 16.72
N SER A 116 -42.31 3.15 16.60
CA SER A 116 -42.76 4.45 16.07
C SER A 116 -42.47 5.56 17.05
N ASN A 117 -42.34 5.22 18.31
CA ASN A 117 -42.04 6.26 19.23
C ASN A 117 -40.60 6.73 19.20
N MET A 118 -39.68 5.78 19.36
CA MET A 118 -38.26 6.09 19.29
C MET A 118 -37.93 6.90 18.04
N SER A 119 -38.42 6.46 16.89
CA SER A 119 -38.16 7.18 15.66
C SER A 119 -38.74 8.58 15.73
N ARG A 120 -39.79 8.72 16.54
CA ARG A 120 -40.47 10.00 16.69
C ARG A 120 -39.67 10.87 17.64
N ILE A 121 -39.26 10.29 18.76
CA ILE A 121 -38.47 11.05 19.72
C ILE A 121 -37.18 11.48 19.03
N TYR A 122 -36.64 10.59 18.21
CA TYR A 122 -35.41 10.88 17.52
C TYR A 122 -35.52 12.00 16.49
N SER A 123 -36.61 12.01 15.73
CA SER A 123 -36.77 13.03 14.69
C SER A 123 -37.57 14.27 15.08
N THR A 124 -37.94 14.38 16.34
CA THR A 124 -38.69 15.54 16.80
C THR A 124 -37.78 16.39 17.67
N ALA A 125 -36.75 15.74 18.22
CA ALA A 125 -35.80 16.41 19.11
C ALA A 125 -35.30 17.75 18.58
N LYS A 126 -35.17 18.70 19.50
CA LYS A 126 -34.69 20.03 19.14
C LYS A 126 -33.77 20.58 20.22
N VAL A 127 -32.97 21.58 19.86
CA VAL A 127 -32.06 22.22 20.80
C VAL A 127 -32.45 23.69 20.94
N CYS A 128 -32.76 24.12 22.17
CA CYS A 128 -33.19 25.51 22.40
C CYS A 128 -32.12 26.32 23.11
N LEU A 129 -32.02 27.61 22.78
CA LEU A 129 -31.03 28.47 23.42
C LEU A 129 -31.48 28.92 24.81
N PRO A 130 -30.49 29.15 25.67
CA PRO A 130 -30.74 29.46 27.08
C PRO A 130 -31.83 30.48 27.45
N ASN A 131 -31.55 31.75 27.16
CA ASN A 131 -32.44 32.87 27.53
C ASN A 131 -33.47 33.18 26.45
N LYS A 132 -32.98 33.28 25.23
CA LYS A 132 -33.90 33.43 24.16
C LYS A 132 -34.68 32.15 24.13
N THR A 133 -35.91 32.18 24.64
CA THR A 133 -36.74 30.97 24.57
C THR A 133 -37.31 30.96 23.16
N ALA A 134 -36.61 31.78 22.39
CA ALA A 134 -36.81 31.99 20.95
C ALA A 134 -36.33 30.73 20.22
N THR A 135 -36.95 30.47 19.06
CA THR A 135 -36.88 29.31 18.11
C THR A 135 -35.60 28.46 17.97
N CYS A 136 -35.85 27.19 18.28
CA CYS A 136 -34.97 26.05 18.30
C CYS A 136 -34.37 25.61 16.98
N TRP A 137 -33.31 24.91 17.21
CA TRP A 137 -32.51 24.26 16.19
C TRP A 137 -32.89 22.85 16.04
N SER A 138 -32.77 22.31 14.84
CA SER A 138 -33.10 20.92 14.58
C SER A 138 -31.92 20.18 13.94
N LEU A 139 -31.75 18.92 14.31
CA LEU A 139 -30.66 18.10 13.79
C LEU A 139 -30.39 18.42 12.32
N ASP A 140 -31.45 18.37 11.51
CA ASP A 140 -31.39 18.89 10.15
C ASP A 140 -32.43 19.98 9.93
N PRO A 141 -31.97 21.15 9.49
CA PRO A 141 -30.59 21.31 9.04
C PRO A 141 -29.72 21.96 10.10
N ASP A 142 -30.32 22.80 10.94
CA ASP A 142 -29.57 23.71 11.78
C ASP A 142 -28.30 23.06 12.33
N LEU A 143 -28.48 21.97 13.07
CA LEU A 143 -27.39 21.38 13.85
C LEU A 143 -26.28 20.88 12.95
N THR A 144 -26.66 20.19 11.87
CA THR A 144 -25.69 19.64 10.94
C THR A 144 -24.75 20.70 10.41
N ASN A 145 -25.30 21.79 9.88
CA ASN A 145 -24.49 22.86 9.33
C ASN A 145 -23.55 23.44 10.37
N ILE A 146 -24.04 23.63 11.59
CA ILE A 146 -23.19 24.18 12.65
C ILE A 146 -21.98 23.27 12.91
N LEU A 147 -22.15 21.97 12.77
CA LEU A 147 -21.03 21.06 12.99
C LEU A 147 -20.20 20.99 11.74
N ALA A 148 -20.84 21.15 10.60
CA ALA A 148 -20.15 21.08 9.32
C ALA A 148 -19.26 22.28 9.04
N SER A 149 -19.62 23.47 9.52
CA SER A 149 -18.81 24.62 9.19
C SER A 149 -18.57 25.71 10.23
N SER A 150 -19.01 25.49 11.46
CA SER A 150 -18.78 26.48 12.51
C SER A 150 -17.46 26.17 13.19
N ARG A 151 -16.60 27.18 13.35
CA ARG A 151 -15.30 26.98 14.01
C ARG A 151 -15.21 27.55 15.41
N SER A 152 -16.36 27.71 16.05
CA SER A 152 -16.43 28.22 17.41
C SER A 152 -16.55 27.06 18.35
N TYR A 153 -15.53 26.81 19.17
CA TYR A 153 -15.56 25.69 20.09
C TYR A 153 -16.83 25.67 20.95
N ALA A 154 -17.10 26.77 21.64
CA ALA A 154 -18.28 26.85 22.48
C ALA A 154 -19.54 26.55 21.69
N MET A 155 -19.67 27.16 20.52
CA MET A 155 -20.86 26.94 19.71
C MET A 155 -21.04 25.46 19.36
N LEU A 156 -19.98 24.83 18.86
CA LEU A 156 -20.06 23.42 18.52
C LEU A 156 -20.44 22.66 19.80
N LEU A 157 -19.83 23.04 20.92
CA LEU A 157 -20.11 22.37 22.18
C LEU A 157 -21.58 22.44 22.57
N PHE A 158 -22.20 23.59 22.30
CA PHE A 158 -23.61 23.76 22.65
C PHE A 158 -24.50 22.84 21.81
N ALA A 159 -24.17 22.70 20.53
CA ALA A 159 -24.97 21.84 19.69
C ALA A 159 -24.66 20.36 19.93
N TRP A 160 -23.40 20.05 20.24
CA TRP A 160 -23.03 18.65 20.46
C TRP A 160 -23.74 18.16 21.72
N GLU A 161 -23.68 18.97 22.76
CA GLU A 161 -24.32 18.65 24.04
C GLU A 161 -25.83 18.74 23.88
N GLY A 162 -26.29 19.82 23.26
CA GLY A 162 -27.71 19.99 23.06
C GLY A 162 -28.33 18.76 22.44
N TRP A 163 -27.84 18.38 21.26
CA TRP A 163 -28.35 17.22 20.55
C TRP A 163 -28.28 15.89 21.30
N HIS A 164 -27.16 15.65 21.99
CA HIS A 164 -26.99 14.41 22.73
C HIS A 164 -27.86 14.24 23.94
N ASN A 165 -28.20 15.33 24.60
CA ASN A 165 -29.07 15.23 25.75
C ASN A 165 -30.48 15.12 25.19
N ALA A 166 -30.82 16.08 24.34
CA ALA A 166 -32.13 16.14 23.73
C ALA A 166 -32.62 14.85 23.08
N ALA A 167 -31.73 14.14 22.40
CA ALA A 167 -32.14 12.91 21.71
C ALA A 167 -31.96 11.64 22.52
N GLY A 168 -30.89 11.60 23.30
CA GLY A 168 -30.59 10.41 24.06
C GLY A 168 -31.38 10.11 25.31
N ILE A 169 -31.30 11.01 26.29
CA ILE A 169 -31.97 10.83 27.56
C ILE A 169 -33.39 10.27 27.50
N PRO A 170 -34.27 10.85 26.67
CA PRO A 170 -35.63 10.33 26.60
C PRO A 170 -35.73 8.96 25.95
N LEU A 171 -34.85 8.70 25.02
CA LEU A 171 -34.85 7.44 24.29
C LEU A 171 -34.45 6.20 25.12
N LYS A 172 -33.53 6.37 26.05
CA LYS A 172 -33.02 5.25 26.87
C LYS A 172 -34.01 4.22 27.41
N PRO A 173 -34.98 4.64 28.23
CA PRO A 173 -35.94 3.66 28.77
C PRO A 173 -36.63 2.82 27.68
N LEU A 174 -37.03 3.48 26.59
CA LEU A 174 -37.67 2.78 25.50
C LEU A 174 -36.71 1.78 24.85
N TYR A 175 -35.43 2.16 24.71
CA TYR A 175 -34.47 1.26 24.07
C TYR A 175 -34.32 -0.03 24.85
N GLU A 176 -34.19 0.10 26.17
CA GLU A 176 -34.03 -1.06 27.02
C GLU A 176 -35.19 -2.05 26.86
N ASP A 177 -36.39 -1.49 26.69
CA ASP A 177 -37.60 -2.30 26.52
C ASP A 177 -37.67 -2.91 25.13
N PHE A 178 -37.26 -2.16 24.11
CA PHE A 178 -37.27 -2.67 22.75
C PHE A 178 -36.35 -3.89 22.69
N THR A 179 -35.19 -3.75 23.31
CA THR A 179 -34.21 -4.81 23.33
C THR A 179 -34.72 -6.08 23.98
N ALA A 180 -35.36 -5.96 25.13
CA ALA A 180 -35.87 -7.15 25.80
C ALA A 180 -36.82 -7.87 24.86
N LEU A 181 -37.74 -7.12 24.24
CA LEU A 181 -38.70 -7.74 23.33
C LEU A 181 -38.04 -8.35 22.10
N SER A 182 -37.25 -7.55 21.39
CA SER A 182 -36.56 -8.02 20.18
C SER A 182 -35.89 -9.35 20.43
N ASN A 183 -35.20 -9.47 21.57
CA ASN A 183 -34.54 -10.72 21.90
C ASN A 183 -35.55 -11.82 22.05
N GLU A 184 -36.52 -11.58 22.93
CA GLU A 184 -37.56 -12.58 23.18
C GLU A 184 -38.11 -13.15 21.88
N ALA A 185 -38.30 -12.30 20.89
CA ALA A 185 -38.83 -12.75 19.62
C ALA A 185 -37.91 -13.76 18.91
N TYR A 186 -36.69 -13.33 18.61
CA TYR A 186 -35.73 -14.18 17.90
C TYR A 186 -35.23 -15.34 18.70
N LYS A 187 -35.45 -15.27 20.01
CA LYS A 187 -35.02 -16.34 20.88
C LYS A 187 -35.78 -17.57 20.43
N GLN A 188 -37.04 -17.35 20.03
CA GLN A 188 -37.94 -18.41 19.57
C GLN A 188 -37.61 -18.86 18.16
N ASP A 189 -36.85 -18.06 17.43
CA ASP A 189 -36.46 -18.45 16.08
C ASP A 189 -35.15 -19.21 16.15
N GLY A 190 -34.68 -19.48 17.36
CA GLY A 190 -33.45 -20.22 17.53
C GLY A 190 -32.14 -19.48 17.77
N PHE A 191 -32.12 -18.16 17.65
CA PHE A 191 -30.88 -17.44 17.90
C PHE A 191 -30.83 -17.03 19.36
N THR A 192 -29.64 -16.73 19.89
CA THR A 192 -29.53 -16.36 21.31
C THR A 192 -30.13 -15.01 21.61
N ASP A 193 -29.84 -14.05 20.74
CA ASP A 193 -30.32 -12.69 20.88
C ASP A 193 -30.38 -12.13 19.47
N THR A 194 -30.92 -10.93 19.32
CA THR A 194 -31.02 -10.34 17.99
C THR A 194 -29.64 -10.15 17.39
N GLY A 195 -28.62 -10.06 18.25
CA GLY A 195 -27.27 -9.88 17.75
C GLY A 195 -26.89 -11.02 16.83
N ALA A 196 -27.05 -12.23 17.34
CA ALA A 196 -26.72 -13.44 16.58
C ALA A 196 -27.54 -13.52 15.30
N TYR A 197 -28.81 -13.13 15.39
CA TYR A 197 -29.68 -13.16 14.22
C TYR A 197 -29.15 -12.21 13.17
N TRP A 198 -28.70 -11.04 13.62
CA TRP A 198 -28.17 -10.02 12.72
C TRP A 198 -26.90 -10.48 11.99
N ARG A 199 -26.02 -11.19 12.70
CA ARG A 199 -24.78 -11.65 12.11
C ARG A 199 -24.96 -12.89 11.22
N SER A 200 -26.03 -13.65 11.48
CA SER A 200 -26.27 -14.86 10.69
C SER A 200 -26.50 -14.53 9.23
N TRP A 201 -26.71 -13.26 8.92
CA TRP A 201 -26.95 -12.84 7.55
C TRP A 201 -25.74 -12.92 6.64
N TYR A 202 -24.54 -13.03 7.21
CA TYR A 202 -23.35 -13.09 6.37
C TYR A 202 -22.88 -14.50 6.15
N ASN A 203 -23.54 -15.43 6.81
CA ASN A 203 -23.19 -16.83 6.64
C ASN A 203 -21.71 -17.05 6.63
N SER A 204 -21.10 -16.91 7.76
CA SER A 204 -19.69 -17.10 7.87
C SER A 204 -19.45 -17.45 9.30
N PRO A 205 -19.12 -18.69 9.58
CA PRO A 205 -18.93 -19.04 10.97
C PRO A 205 -17.80 -18.28 11.65
N THR A 206 -17.14 -17.53 10.81
CA THR A 206 -15.93 -16.82 11.13
C THR A 206 -16.05 -15.27 11.05
N PHE A 207 -17.23 -14.81 10.66
CA PHE A 207 -17.54 -13.37 10.47
C PHE A 207 -16.81 -12.42 11.41
N GLU A 208 -17.07 -12.51 12.71
CA GLU A 208 -16.45 -11.61 13.69
C GLU A 208 -14.92 -11.59 13.68
N ASP A 209 -14.31 -12.76 13.55
CA ASP A 209 -12.86 -12.86 13.52
C ASP A 209 -12.35 -12.25 12.22
N ASP A 210 -13.04 -12.53 11.11
CA ASP A 210 -12.65 -11.98 9.83
C ASP A 210 -12.69 -10.45 9.87
N LEU A 211 -13.61 -9.91 10.67
CA LEU A 211 -13.77 -8.47 10.80
C LEU A 211 -12.71 -7.89 11.72
N GLU A 212 -12.40 -8.61 12.80
CA GLU A 212 -11.39 -8.13 13.74
C GLU A 212 -10.04 -8.13 13.05
N HIS A 213 -9.78 -9.17 12.26
CA HIS A 213 -8.54 -9.28 11.51
C HIS A 213 -8.52 -8.16 10.47
N LEU A 214 -9.62 -8.03 9.74
CA LEU A 214 -9.72 -7.00 8.72
C LEU A 214 -9.49 -5.59 9.26
N TYR A 215 -9.83 -5.36 10.53
CA TYR A 215 -9.65 -4.03 11.11
C TYR A 215 -8.18 -3.72 11.42
N GLN A 216 -7.45 -4.69 11.99
CA GLN A 216 -6.04 -4.51 12.31
C GLN A 216 -5.26 -4.02 11.09
N GLN A 217 -5.55 -4.65 9.94
CA GLN A 217 -4.90 -4.28 8.70
C GLN A 217 -5.09 -2.80 8.39
N LEU A 218 -6.25 -2.27 8.75
CA LEU A 218 -6.55 -0.87 8.47
C LEU A 218 -6.31 0.10 9.62
N GLU A 219 -6.31 -0.38 10.87
CA GLU A 219 -6.10 0.54 12.00
C GLU A 219 -4.98 1.56 11.80
N PRO A 220 -3.80 1.11 11.32
CA PRO A 220 -2.68 2.02 11.10
C PRO A 220 -3.08 3.18 10.22
N LEU A 221 -3.94 2.88 9.25
CA LEU A 221 -4.41 3.89 8.33
C LEU A 221 -5.11 4.99 9.09
N TYR A 222 -6.06 4.59 9.95
CA TYR A 222 -6.82 5.55 10.73
C TYR A 222 -5.93 6.34 11.69
N LEU A 223 -5.22 5.62 12.56
CA LEU A 223 -4.31 6.23 13.52
C LEU A 223 -3.47 7.36 12.93
N ASN A 224 -3.05 7.21 11.68
CA ASN A 224 -2.26 8.24 11.03
C ASN A 224 -3.10 9.41 10.56
N LEU A 225 -4.25 9.13 9.97
CA LEU A 225 -5.12 10.22 9.54
C LEU A 225 -5.49 11.00 10.81
N HIS A 226 -5.65 10.26 11.89
CA HIS A 226 -6.00 10.81 13.19
C HIS A 226 -4.95 11.79 13.72
N ALA A 227 -3.75 11.32 14.03
CA ALA A 227 -2.69 12.20 14.55
C ALA A 227 -2.48 13.46 13.68
N PHE A 228 -2.61 13.30 12.36
CA PHE A 228 -2.43 14.38 11.39
C PHE A 228 -3.49 15.46 11.54
N VAL A 229 -4.73 15.04 11.69
CA VAL A 229 -5.83 15.96 11.87
C VAL A 229 -5.77 16.55 13.27
N ARG A 230 -5.47 15.70 14.24
CA ARG A 230 -5.39 16.15 15.61
C ARG A 230 -4.37 17.28 15.69
N ARG A 231 -3.34 17.19 14.85
CA ARG A 231 -2.32 18.23 14.84
C ARG A 231 -2.94 19.47 14.20
N ALA A 232 -3.50 19.31 13.02
CA ALA A 232 -4.13 20.44 12.34
C ALA A 232 -5.14 21.13 13.27
N LEU A 233 -5.90 20.35 14.03
CA LEU A 233 -6.88 20.94 14.93
C LEU A 233 -6.23 21.69 16.07
N HIS A 234 -5.16 21.13 16.64
CA HIS A 234 -4.44 21.80 17.72
C HIS A 234 -4.08 23.20 17.23
N ARG A 235 -3.54 23.25 16.02
CA ARG A 235 -3.13 24.48 15.37
C ARG A 235 -4.19 25.58 15.40
N ARG A 236 -5.47 25.19 15.34
CA ARG A 236 -6.57 26.16 15.32
C ARG A 236 -7.25 26.49 16.66
N TYR A 237 -7.45 25.49 17.50
CA TYR A 237 -8.11 25.73 18.77
C TYR A 237 -7.14 25.90 19.92
N GLY A 238 -5.90 25.54 19.69
CA GLY A 238 -4.91 25.71 20.74
C GLY A 238 -4.53 24.53 21.59
N ASP A 239 -3.85 24.84 22.69
CA ASP A 239 -3.35 23.84 23.60
C ASP A 239 -4.27 23.48 24.77
N ARG A 240 -5.26 24.33 25.04
CA ARG A 240 -6.22 24.09 26.11
C ARG A 240 -7.27 23.08 25.69
N TYR A 241 -7.73 23.19 24.45
CA TYR A 241 -8.77 22.30 23.96
C TYR A 241 -8.33 21.05 23.23
N ILE A 242 -7.14 21.04 22.65
CA ILE A 242 -6.67 19.83 21.96
C ILE A 242 -5.39 19.32 22.61
N ASN A 243 -5.39 18.03 22.94
CA ASN A 243 -4.23 17.38 23.56
C ASN A 243 -3.53 16.54 22.48
N LEU A 244 -2.30 16.92 22.16
CA LEU A 244 -1.51 16.24 21.13
C LEU A 244 -1.15 14.80 21.47
N ARG A 245 -1.55 14.37 22.66
CA ARG A 245 -1.28 13.04 23.17
C ARG A 245 -2.52 12.41 23.74
N GLY A 246 -3.67 12.97 23.41
CA GLY A 246 -4.91 12.44 23.94
C GLY A 246 -5.94 12.29 22.86
N PRO A 247 -7.13 11.74 23.16
CA PRO A 247 -8.17 11.58 22.14
C PRO A 247 -8.69 12.95 21.76
N ILE A 248 -9.21 13.06 20.54
CA ILE A 248 -9.74 14.33 20.06
C ILE A 248 -11.15 14.52 20.60
N PRO A 249 -11.53 15.77 20.93
CA PRO A 249 -12.87 16.06 21.45
C PRO A 249 -13.92 15.85 20.35
N ALA A 250 -14.86 14.90 20.57
CA ALA A 250 -15.90 14.48 19.60
C ALA A 250 -16.69 15.56 18.80
N HIS A 251 -16.61 16.84 19.13
CA HIS A 251 -17.42 17.80 18.39
C HIS A 251 -16.64 18.69 17.42
N LEU A 252 -15.37 18.39 17.20
CA LEU A 252 -14.54 19.22 16.33
C LEU A 252 -14.24 18.62 14.97
N LEU A 253 -14.59 17.35 14.77
CA LEU A 253 -14.33 16.71 13.49
C LEU A 253 -15.31 17.08 12.37
N GLY A 254 -16.15 18.08 12.64
CA GLY A 254 -17.11 18.56 11.66
C GLY A 254 -18.38 17.75 11.38
N ASP A 255 -18.70 16.82 12.27
CA ASP A 255 -19.88 15.97 12.13
C ASP A 255 -20.33 15.49 13.51
N MET A 256 -21.62 15.63 13.78
CA MET A 256 -22.21 15.26 15.09
C MET A 256 -21.69 13.99 15.76
N TRP A 257 -21.30 12.98 14.98
CA TRP A 257 -20.82 11.74 15.55
C TRP A 257 -19.34 11.52 15.30
N ALA A 258 -18.74 12.43 14.53
CA ALA A 258 -17.33 12.37 14.19
C ALA A 258 -17.08 11.17 13.30
N GLN A 259 -18.09 10.77 12.54
CA GLN A 259 -17.96 9.61 11.67
C GLN A 259 -17.28 9.88 10.33
N SER A 260 -17.21 11.14 9.92
CA SER A 260 -16.54 11.52 8.67
C SER A 260 -16.07 12.96 8.81
N TRP A 261 -14.79 13.18 8.52
CA TRP A 261 -14.20 14.50 8.68
C TRP A 261 -14.09 15.38 7.43
N GLU A 262 -14.63 14.92 6.31
CA GLU A 262 -14.56 15.66 5.06
C GLU A 262 -15.06 17.11 5.12
N ASN A 263 -15.73 17.48 6.20
CA ASN A 263 -16.21 18.84 6.36
C ASN A 263 -15.19 19.76 7.00
N ILE A 264 -14.01 19.25 7.34
CA ILE A 264 -12.98 20.11 7.92
C ILE A 264 -11.77 20.14 6.98
N TYR A 265 -11.97 19.62 5.76
CA TYR A 265 -10.94 19.57 4.74
C TYR A 265 -10.15 20.87 4.61
N ASP A 266 -10.84 21.99 4.70
CA ASP A 266 -10.22 23.30 4.59
C ASP A 266 -9.28 23.62 5.74
N MET A 267 -9.29 22.78 6.78
CA MET A 267 -8.43 22.99 7.93
C MET A 267 -7.26 22.02 7.97
N VAL A 268 -7.31 21.00 7.13
CA VAL A 268 -6.24 20.01 7.12
C VAL A 268 -5.65 19.86 5.73
N VAL A 269 -6.35 20.38 4.72
CA VAL A 269 -5.88 20.28 3.35
C VAL A 269 -4.37 20.52 3.41
N PRO A 270 -3.59 19.51 2.99
CA PRO A 270 -2.13 19.64 3.01
C PRO A 270 -1.62 20.76 2.10
N PHE A 271 -1.85 20.65 0.80
CA PHE A 271 -1.38 21.69 -0.10
C PHE A 271 -2.54 22.59 -0.49
N PRO A 272 -2.76 23.67 0.27
CA PRO A 272 -3.83 24.60 -0.02
C PRO A 272 -3.38 25.47 -1.19
N ASP A 273 -4.06 26.58 -1.42
CA ASP A 273 -3.68 27.47 -2.51
C ASP A 273 -3.73 26.79 -3.88
N LYS A 274 -4.36 25.63 -3.95
CA LYS A 274 -4.51 24.93 -5.22
C LYS A 274 -6.00 24.78 -5.52
N PRO A 275 -6.38 24.34 -6.72
CA PRO A 275 -7.81 24.18 -7.01
C PRO A 275 -8.49 23.39 -5.89
N ASN A 276 -9.67 23.84 -5.44
CA ASN A 276 -10.38 23.23 -4.33
C ASN A 276 -11.22 22.04 -4.72
N LEU A 277 -11.00 20.92 -4.07
CA LEU A 277 -11.70 19.68 -4.38
C LEU A 277 -13.04 19.53 -3.66
N ASP A 278 -13.76 20.63 -3.53
CA ASP A 278 -15.08 20.62 -2.91
C ASP A 278 -16.10 21.41 -3.73
N VAL A 279 -16.61 20.78 -4.76
CA VAL A 279 -17.59 21.42 -5.64
C VAL A 279 -18.67 22.13 -4.84
N THR A 280 -18.87 21.72 -3.58
CA THR A 280 -19.96 22.25 -2.74
C THR A 280 -20.30 23.72 -2.96
N SER A 281 -19.31 24.52 -3.36
CA SER A 281 -19.54 25.94 -3.65
C SER A 281 -19.83 26.32 -5.10
N THR A 282 -19.52 25.42 -6.03
CA THR A 282 -19.76 25.66 -7.45
C THR A 282 -21.18 25.18 -7.75
N MET A 283 -21.64 24.24 -6.92
CA MET A 283 -22.98 23.69 -7.08
C MET A 283 -23.97 24.84 -6.85
N LEU A 284 -23.74 25.60 -5.80
CA LEU A 284 -24.60 26.74 -5.48
C LEU A 284 -24.47 27.79 -6.57
N GLN A 285 -23.23 28.06 -6.97
CA GLN A 285 -22.95 29.04 -8.01
C GLN A 285 -23.83 28.82 -9.23
N GLN A 286 -23.96 27.57 -9.65
CA GLN A 286 -24.76 27.28 -10.81
C GLN A 286 -26.25 27.22 -10.56
N GLY A 287 -26.64 27.25 -9.29
CA GLY A 287 -28.05 27.19 -8.97
C GLY A 287 -28.58 25.77 -8.98
N TRP A 288 -27.81 24.84 -8.45
CA TRP A 288 -28.23 23.45 -8.41
C TRP A 288 -29.49 23.12 -7.57
N ASN A 289 -30.49 22.61 -8.26
CA ASN A 289 -31.75 22.21 -7.68
C ASN A 289 -31.52 20.94 -6.87
N ALA A 290 -32.47 20.55 -6.03
CA ALA A 290 -32.28 19.33 -5.27
C ALA A 290 -32.57 18.21 -6.25
N THR A 291 -33.37 18.53 -7.27
CA THR A 291 -33.74 17.57 -8.29
C THR A 291 -32.54 17.40 -9.24
N HIS A 292 -31.94 18.53 -9.59
CA HIS A 292 -30.77 18.55 -10.47
C HIS A 292 -29.78 17.49 -9.99
N MET A 293 -29.69 17.33 -8.67
CA MET A 293 -28.78 16.35 -8.09
C MET A 293 -29.21 14.92 -8.39
N PHE A 294 -30.50 14.63 -8.32
CA PHE A 294 -30.95 13.27 -8.59
C PHE A 294 -30.93 12.95 -10.08
N ARG A 295 -30.58 13.93 -10.90
CA ARG A 295 -30.52 13.74 -12.33
C ARG A 295 -29.14 13.43 -12.84
N VAL A 296 -28.17 14.05 -12.20
CA VAL A 296 -26.77 13.89 -12.54
C VAL A 296 -26.44 12.50 -12.04
N ALA A 297 -26.92 12.17 -10.85
CA ALA A 297 -26.66 10.85 -10.29
C ALA A 297 -27.22 9.79 -11.21
N GLU A 298 -28.43 10.04 -11.74
CA GLU A 298 -29.09 9.09 -12.63
C GLU A 298 -28.28 8.95 -13.90
N GLU A 299 -27.96 10.08 -14.50
CA GLU A 299 -27.20 10.08 -15.72
C GLU A 299 -25.99 9.13 -15.69
N PHE A 300 -25.23 9.13 -14.60
CA PHE A 300 -24.10 8.22 -14.51
C PHE A 300 -24.66 6.82 -14.70
N PHE A 301 -25.60 6.45 -13.83
CA PHE A 301 -26.23 5.13 -13.87
C PHE A 301 -26.68 4.67 -15.25
N THR A 302 -27.28 5.56 -16.02
CA THR A 302 -27.75 5.17 -17.35
C THR A 302 -26.59 4.79 -18.27
N SER A 303 -25.56 5.64 -18.30
CA SER A 303 -24.40 5.41 -19.16
C SER A 303 -23.77 4.02 -19.00
N LEU A 304 -23.91 3.43 -17.82
CA LEU A 304 -23.35 2.11 -17.59
C LEU A 304 -24.31 1.04 -18.04
N GLU A 305 -25.28 1.42 -18.86
CA GLU A 305 -26.29 0.50 -19.38
C GLU A 305 -27.15 -0.13 -18.26
N LEU A 306 -27.45 0.67 -17.25
CA LEU A 306 -28.29 0.26 -16.14
C LEU A 306 -29.60 1.05 -16.29
N SER A 307 -30.70 0.56 -15.72
CA SER A 307 -31.99 1.24 -15.86
C SER A 307 -32.07 2.57 -15.14
N PRO A 308 -32.84 3.53 -15.70
CA PRO A 308 -33.04 4.87 -15.13
C PRO A 308 -34.15 4.85 -14.10
N MET A 309 -34.39 5.98 -13.45
CA MET A 309 -35.43 6.03 -12.45
C MET A 309 -36.80 5.95 -13.11
N PRO A 310 -37.67 5.04 -12.64
CA PRO A 310 -39.01 4.87 -13.20
C PRO A 310 -39.82 6.14 -12.98
N PRO A 311 -40.94 6.30 -13.69
CA PRO A 311 -41.72 7.51 -13.47
C PRO A 311 -42.34 7.52 -12.05
N GLU A 312 -42.74 6.34 -11.56
CA GLU A 312 -43.32 6.24 -10.23
C GLU A 312 -42.39 6.87 -9.20
N PHE A 313 -41.09 6.60 -9.35
CA PHE A 313 -40.06 7.12 -8.45
C PHE A 313 -40.05 8.63 -8.46
N TRP A 314 -40.20 9.21 -9.64
CA TRP A 314 -40.19 10.66 -9.73
C TRP A 314 -41.46 11.31 -9.19
N GLU A 315 -42.58 10.60 -9.27
CA GLU A 315 -43.84 11.15 -8.79
C GLU A 315 -43.98 10.92 -7.29
N GLY A 316 -43.58 9.74 -6.84
CA GLY A 316 -43.71 9.40 -5.44
C GLY A 316 -42.57 9.64 -4.47
N SER A 317 -41.44 10.17 -4.95
CA SER A 317 -40.31 10.39 -4.04
C SER A 317 -40.33 11.77 -3.39
N MET A 318 -39.70 11.87 -2.22
CA MET A 318 -39.62 13.14 -1.51
C MET A 318 -38.13 13.46 -1.49
N LEU A 319 -37.73 14.42 -2.31
CA LEU A 319 -36.32 14.77 -2.38
C LEU A 319 -35.98 16.11 -1.76
N GLU A 320 -36.88 16.65 -0.96
CA GLU A 320 -36.67 17.94 -0.30
C GLU A 320 -37.46 17.96 0.98
N LYS A 321 -36.99 18.75 1.94
CA LYS A 321 -37.72 18.87 3.21
C LYS A 321 -38.94 19.71 2.84
N PRO A 322 -40.14 19.11 2.90
CA PRO A 322 -41.40 19.78 2.56
C PRO A 322 -41.57 21.11 3.28
N ALA A 323 -42.60 21.85 2.87
CA ALA A 323 -42.87 23.16 3.41
C ALA A 323 -44.26 23.33 4.05
N ASP A 324 -45.07 22.29 4.00
CA ASP A 324 -46.40 22.31 4.57
C ASP A 324 -46.25 22.26 6.09
N GLY A 325 -45.03 22.49 6.57
CA GLY A 325 -44.78 22.44 7.99
C GLY A 325 -44.69 21.00 8.48
N ARG A 326 -45.13 20.08 7.63
CA ARG A 326 -45.12 18.66 7.97
C ARG A 326 -43.78 18.29 8.62
N GLU A 327 -43.85 17.44 9.63
CA GLU A 327 -42.66 17.01 10.35
C GLU A 327 -42.24 15.67 9.77
N VAL A 328 -41.02 15.58 9.25
CA VAL A 328 -40.54 14.34 8.62
C VAL A 328 -39.22 13.76 9.12
N VAL A 329 -39.08 12.45 8.94
CA VAL A 329 -37.84 11.75 9.32
C VAL A 329 -36.88 12.11 8.18
N CYS A 330 -36.13 13.19 8.40
CA CYS A 330 -35.20 13.67 7.38
C CYS A 330 -34.07 12.74 6.92
N HIS A 331 -33.75 11.73 7.71
CA HIS A 331 -32.67 10.82 7.33
C HIS A 331 -32.93 10.26 5.93
N ALA A 332 -31.91 10.31 5.08
CA ALA A 332 -32.05 9.81 3.73
C ALA A 332 -32.19 8.29 3.76
N SER A 333 -33.08 7.77 2.92
CA SER A 333 -33.31 6.33 2.84
C SER A 333 -33.96 5.95 1.50
N ALA A 334 -33.93 4.66 1.17
CA ALA A 334 -34.50 4.17 -0.08
C ALA A 334 -35.59 3.13 0.20
N TRP A 335 -36.70 3.24 -0.50
CA TRP A 335 -37.85 2.36 -0.29
C TRP A 335 -38.20 1.38 -1.39
N ASP A 336 -38.41 0.13 -0.99
CA ASP A 336 -38.79 -0.94 -1.90
C ASP A 336 -40.17 -1.38 -1.46
N PHE A 337 -41.18 -1.09 -2.27
CA PHE A 337 -42.57 -1.44 -1.94
C PHE A 337 -42.99 -2.87 -2.26
N TYR A 338 -42.04 -3.68 -2.71
CA TYR A 338 -42.31 -5.09 -3.04
C TYR A 338 -43.48 -5.32 -4.00
N ASN A 339 -43.68 -4.41 -4.93
CA ASN A 339 -44.75 -4.52 -5.91
C ASN A 339 -44.19 -4.32 -7.32
N ARG A 340 -42.87 -4.42 -7.47
CA ARG A 340 -42.20 -4.28 -8.76
C ARG A 340 -42.55 -3.02 -9.52
N LYS A 341 -43.26 -2.11 -8.86
CA LYS A 341 -43.73 -0.90 -9.51
C LYS A 341 -43.24 0.38 -8.80
N ASP A 342 -43.50 0.39 -7.50
CA ASP A 342 -43.17 1.52 -6.62
C ASP A 342 -41.83 1.44 -5.91
N PHE A 343 -40.93 2.37 -6.25
CA PHE A 343 -39.59 2.46 -5.67
C PHE A 343 -39.34 3.95 -5.46
N ARG A 344 -39.12 4.37 -4.22
CA ARG A 344 -38.91 5.80 -3.96
C ARG A 344 -37.80 6.10 -2.96
N ILE A 345 -37.40 7.37 -2.92
CA ILE A 345 -36.36 7.83 -2.02
C ILE A 345 -36.89 8.98 -1.16
N LYS A 346 -36.53 8.96 0.13
CA LYS A 346 -36.99 9.96 1.08
C LYS A 346 -35.75 10.65 1.65
N GLN A 347 -35.53 11.92 1.31
CA GLN A 347 -34.34 12.60 1.81
C GLN A 347 -34.45 14.11 1.75
N CYS A 348 -34.31 14.77 2.90
CA CYS A 348 -34.36 16.22 2.96
C CYS A 348 -33.09 16.80 2.37
N THR A 349 -32.89 16.55 1.10
CA THR A 349 -31.71 16.94 0.41
C THR A 349 -31.40 18.42 0.25
N ARG A 350 -30.31 18.93 0.73
CA ARG A 350 -30.06 20.21 0.16
C ARG A 350 -28.69 20.12 -0.49
N VAL A 351 -28.41 21.17 -1.20
CA VAL A 351 -27.26 21.35 -2.05
C VAL A 351 -25.85 21.34 -1.45
N THR A 352 -25.30 20.14 -1.32
CA THR A 352 -23.98 19.96 -0.78
C THR A 352 -23.27 18.79 -1.42
N MET A 353 -21.96 18.88 -1.56
CA MET A 353 -21.21 17.79 -2.16
C MET A 353 -21.40 16.52 -1.36
N ASP A 354 -21.19 16.57 -0.04
CA ASP A 354 -21.36 15.36 0.76
C ASP A 354 -22.78 14.85 0.57
N GLN A 355 -23.68 15.74 0.12
CA GLN A 355 -25.05 15.34 -0.10
C GLN A 355 -25.28 14.82 -1.50
N LEU A 356 -24.37 15.16 -2.41
CA LEU A 356 -24.47 14.71 -3.79
C LEU A 356 -24.10 13.25 -3.84
N SER A 357 -23.19 12.82 -2.97
CA SER A 357 -22.79 11.41 -2.97
C SER A 357 -23.80 10.55 -2.22
N THR A 358 -24.49 11.15 -1.25
CA THR A 358 -25.52 10.44 -0.50
C THR A 358 -26.65 10.14 -1.47
N VAL A 359 -26.82 11.04 -2.43
CA VAL A 359 -27.85 10.84 -3.43
C VAL A 359 -27.46 9.63 -4.27
N HIS A 360 -26.18 9.54 -4.64
CA HIS A 360 -25.71 8.40 -5.41
C HIS A 360 -25.88 7.13 -4.57
N HIS A 361 -25.48 7.23 -3.31
CA HIS A 361 -25.60 6.12 -2.36
C HIS A 361 -26.99 5.53 -2.36
N GLU A 362 -27.98 6.43 -2.25
CA GLU A 362 -29.39 6.03 -2.23
C GLU A 362 -29.81 5.45 -3.57
N MET A 363 -29.47 6.11 -4.67
CA MET A 363 -29.81 5.59 -6.00
C MET A 363 -29.29 4.17 -6.15
N GLY A 364 -28.20 3.89 -5.46
CA GLY A 364 -27.62 2.57 -5.50
C GLY A 364 -28.58 1.54 -4.97
N HIS A 365 -29.37 1.93 -3.97
CA HIS A 365 -30.35 1.02 -3.38
C HIS A 365 -31.50 0.80 -4.36
N ILE A 366 -31.99 1.92 -4.91
CA ILE A 366 -33.07 1.91 -5.88
C ILE A 366 -32.72 1.05 -7.08
N GLN A 367 -31.49 1.22 -7.58
CA GLN A 367 -31.01 0.46 -8.73
C GLN A 367 -30.92 -1.03 -8.42
N TYR A 368 -30.68 -1.34 -7.16
CA TYR A 368 -30.57 -2.74 -6.76
C TYR A 368 -31.97 -3.30 -6.79
N TYR A 369 -32.94 -2.49 -6.37
CA TYR A 369 -34.34 -2.89 -6.34
C TYR A 369 -34.81 -3.17 -7.75
N LEU A 370 -34.67 -2.15 -8.61
CA LEU A 370 -35.06 -2.25 -10.01
C LEU A 370 -34.48 -3.49 -10.66
N GLN A 371 -33.27 -3.86 -10.27
CA GLN A 371 -32.62 -5.02 -10.89
C GLN A 371 -33.10 -6.38 -10.43
N TYR A 372 -33.44 -6.55 -9.16
CA TYR A 372 -33.88 -7.87 -8.72
C TYR A 372 -35.38 -8.04 -8.52
N LYS A 373 -36.15 -7.02 -8.91
CA LYS A 373 -37.61 -7.06 -8.74
C LYS A 373 -38.24 -8.32 -9.32
N ASP A 374 -37.51 -9.01 -10.19
CA ASP A 374 -38.06 -10.22 -10.80
C ASP A 374 -37.64 -11.52 -10.15
N LEU A 375 -37.69 -11.55 -8.82
CA LEU A 375 -37.32 -12.73 -8.05
C LEU A 375 -38.33 -12.94 -6.94
N PRO A 376 -38.42 -14.17 -6.41
CA PRO A 376 -39.38 -14.38 -5.32
C PRO A 376 -39.15 -13.26 -4.32
N VAL A 377 -40.24 -12.68 -3.82
CA VAL A 377 -40.15 -11.59 -2.86
C VAL A 377 -39.10 -11.82 -1.76
N SER A 378 -39.15 -12.98 -1.11
CA SER A 378 -38.20 -13.27 -0.03
C SER A 378 -36.72 -13.27 -0.41
N LEU A 379 -36.42 -13.01 -1.68
CA LEU A 379 -35.03 -12.97 -2.15
C LEU A 379 -34.65 -11.58 -2.68
N ARG A 380 -35.50 -10.58 -2.47
CA ARG A 380 -35.25 -9.20 -2.93
C ARG A 380 -34.47 -8.47 -1.85
N ARG A 381 -33.23 -8.93 -1.73
CA ARG A 381 -32.24 -8.50 -0.75
C ARG A 381 -30.89 -8.34 -1.48
N GLY A 382 -29.87 -7.79 -0.84
CA GLY A 382 -28.59 -7.74 -1.51
C GLY A 382 -27.89 -9.05 -1.15
N ALA A 383 -26.79 -9.42 -1.83
CA ALA A 383 -26.09 -10.69 -1.51
C ALA A 383 -25.99 -10.79 0.01
N ASN A 384 -25.64 -9.65 0.60
CA ASN A 384 -25.61 -9.46 2.03
C ASN A 384 -25.80 -7.96 2.19
N PRO A 385 -26.28 -7.50 3.36
CA PRO A 385 -26.52 -6.08 3.62
C PRO A 385 -25.37 -5.19 3.13
N GLY A 386 -24.16 -5.73 3.19
CA GLY A 386 -22.99 -5.00 2.77
C GLY A 386 -23.04 -4.63 1.31
N PHE A 387 -23.32 -5.61 0.44
CA PHE A 387 -23.39 -5.35 -0.99
C PHE A 387 -24.35 -4.18 -1.26
N HIS A 388 -25.47 -4.17 -0.54
CA HIS A 388 -26.46 -3.12 -0.74
C HIS A 388 -25.91 -1.75 -0.46
N GLU A 389 -25.27 -1.57 0.70
CA GLU A 389 -24.72 -0.25 1.03
C GLU A 389 -23.55 0.14 0.11
N ALA A 390 -23.00 -0.84 -0.60
CA ALA A 390 -21.86 -0.59 -1.48
C ALA A 390 -22.27 0.01 -2.81
N ILE A 391 -23.24 -0.63 -3.44
CA ILE A 391 -23.68 -0.26 -4.78
C ILE A 391 -23.58 1.19 -5.23
N GLY A 392 -24.12 2.11 -4.44
CA GLY A 392 -24.05 3.50 -4.82
C GLY A 392 -22.71 4.12 -4.53
N ASP A 393 -22.04 3.64 -3.48
CA ASP A 393 -20.73 4.19 -3.11
C ASP A 393 -19.71 3.91 -4.20
N VAL A 394 -19.74 2.70 -4.76
CA VAL A 394 -18.82 2.34 -5.83
C VAL A 394 -18.85 3.45 -6.88
N LEU A 395 -19.98 3.60 -7.55
CA LEU A 395 -20.15 4.63 -8.58
C LEU A 395 -19.76 5.99 -8.05
N ALA A 396 -19.92 6.20 -6.75
CA ALA A 396 -19.57 7.47 -6.16
C ALA A 396 -18.05 7.71 -6.30
N LEU A 397 -17.26 6.65 -6.11
CA LEU A 397 -15.81 6.74 -6.21
C LEU A 397 -15.41 7.40 -7.51
N SER A 398 -16.00 6.92 -8.61
CA SER A 398 -15.71 7.45 -9.93
C SER A 398 -16.19 8.90 -10.06
N VAL A 399 -17.28 9.24 -9.39
CA VAL A 399 -17.79 10.60 -9.49
C VAL A 399 -16.89 11.59 -8.76
N SER A 400 -16.39 11.20 -7.60
CA SER A 400 -15.53 12.07 -6.81
C SER A 400 -14.22 12.51 -7.46
N THR A 401 -13.70 11.69 -8.37
CA THR A 401 -12.43 11.98 -9.03
C THR A 401 -12.42 13.35 -9.69
N PRO A 402 -11.33 14.12 -9.50
CA PRO A 402 -11.20 15.47 -10.08
C PRO A 402 -11.37 15.45 -11.61
N GLU A 403 -10.98 14.35 -12.24
CA GLU A 403 -11.11 14.23 -13.68
C GLU A 403 -12.58 14.14 -14.06
N HIS A 404 -13.36 13.39 -13.28
CA HIS A 404 -14.78 13.24 -13.56
C HIS A 404 -15.55 14.53 -13.27
N LEU A 405 -15.25 15.17 -12.14
CA LEU A 405 -15.92 16.41 -11.76
C LEU A 405 -15.85 17.46 -12.87
N HIS A 406 -14.70 17.53 -13.52
CA HIS A 406 -14.49 18.47 -14.60
C HIS A 406 -15.34 18.13 -15.83
N LYS A 407 -15.39 16.85 -16.14
CA LYS A 407 -16.15 16.33 -17.26
C LYS A 407 -17.61 16.72 -17.12
N ILE A 408 -18.00 17.05 -15.91
CA ILE A 408 -19.43 17.35 -15.75
C ILE A 408 -19.72 18.72 -15.21
N GLY A 409 -18.71 19.55 -15.08
CA GLY A 409 -18.97 20.94 -14.74
C GLY A 409 -18.54 21.49 -13.38
N LEU A 410 -18.03 20.79 -12.40
CA LEU A 410 -17.79 21.67 -11.27
C LEU A 410 -16.34 21.80 -10.88
N LEU A 411 -15.47 21.24 -11.66
CA LEU A 411 -14.09 21.45 -11.34
C LEU A 411 -13.52 22.18 -12.52
N ASP A 412 -13.42 23.49 -12.40
CA ASP A 412 -12.97 24.40 -13.45
C ASP A 412 -11.59 24.14 -14.01
N ARG A 413 -10.78 23.33 -13.34
CA ARG A 413 -9.47 23.14 -13.90
C ARG A 413 -9.12 21.67 -14.05
N VAL A 414 -7.83 21.47 -14.17
CA VAL A 414 -7.24 20.17 -14.27
C VAL A 414 -5.78 20.36 -13.94
N THR A 415 -5.40 20.02 -12.72
CA THR A 415 -4.01 20.11 -12.30
C THR A 415 -3.40 18.74 -12.06
N ASN A 416 -2.90 18.12 -13.13
CA ASN A 416 -2.35 16.77 -13.05
C ASN A 416 -0.95 16.73 -12.45
N ASP A 417 -0.88 16.64 -11.13
CA ASP A 417 0.39 16.59 -10.42
C ASP A 417 0.21 15.83 -9.12
N THR A 418 1.29 15.72 -8.33
CA THR A 418 1.22 15.02 -7.06
C THR A 418 0.46 15.82 -6.02
N GLU A 419 0.93 17.02 -5.72
CA GLU A 419 0.29 17.87 -4.71
C GLU A 419 -1.23 17.81 -4.79
N SER A 420 -1.79 18.04 -5.97
CA SER A 420 -3.23 17.97 -6.11
C SER A 420 -3.67 16.53 -5.83
N ASP A 421 -2.88 15.57 -6.32
CA ASP A 421 -3.19 14.17 -6.12
C ASP A 421 -3.28 13.83 -4.63
N ILE A 422 -2.32 14.32 -3.85
CA ILE A 422 -2.32 14.11 -2.39
C ILE A 422 -3.59 14.72 -1.78
N ASN A 423 -3.87 15.99 -2.11
CA ASN A 423 -5.05 16.68 -1.60
C ASN A 423 -6.29 15.81 -1.82
N TYR A 424 -6.52 15.40 -3.06
CA TYR A 424 -7.66 14.55 -3.38
C TYR A 424 -7.71 13.35 -2.45
N LEU A 425 -6.63 12.56 -2.46
CA LEU A 425 -6.56 11.38 -1.62
C LEU A 425 -6.81 11.67 -0.15
N LEU A 426 -6.34 12.82 0.34
CA LEU A 426 -6.57 13.14 1.74
C LEU A 426 -8.06 13.41 1.94
N LYS A 427 -8.66 14.17 1.04
CA LYS A 427 -10.09 14.46 1.16
C LYS A 427 -10.85 13.15 1.27
N MET A 428 -10.61 12.24 0.32
CA MET A 428 -11.27 10.93 0.35
C MET A 428 -10.93 10.15 1.63
N ALA A 429 -9.76 10.41 2.20
CA ALA A 429 -9.32 9.75 3.42
C ALA A 429 -10.18 10.22 4.59
N LEU A 430 -10.50 11.51 4.58
CA LEU A 430 -11.31 12.11 5.62
C LEU A 430 -12.71 11.50 5.61
N GLU A 431 -13.18 11.10 4.43
CA GLU A 431 -14.50 10.51 4.27
C GLU A 431 -14.57 9.01 4.52
N LYS A 432 -13.68 8.24 3.91
CA LYS A 432 -13.68 6.80 4.06
C LYS A 432 -12.84 6.23 5.21
N ILE A 433 -11.63 6.74 5.40
CA ILE A 433 -10.79 6.21 6.45
C ILE A 433 -11.30 6.55 7.83
N ALA A 434 -11.62 7.81 8.04
CA ALA A 434 -12.09 8.31 9.34
C ALA A 434 -13.32 7.57 9.83
N PHE A 435 -14.05 6.95 8.91
CA PHE A 435 -15.28 6.25 9.23
C PHE A 435 -15.05 4.84 9.76
N LEU A 436 -14.09 4.15 9.19
CA LEU A 436 -13.78 2.79 9.58
C LEU A 436 -13.90 2.48 11.08
N PRO A 437 -13.20 3.24 11.93
CA PRO A 437 -13.36 2.88 13.34
C PRO A 437 -14.86 2.87 13.74
N PHE A 438 -15.53 4.01 13.63
CA PHE A 438 -16.94 4.12 13.97
C PHE A 438 -17.81 2.97 13.42
N GLY A 439 -17.79 2.79 12.11
CA GLY A 439 -18.58 1.72 11.51
C GLY A 439 -18.38 0.40 12.22
N TYR A 440 -17.15 0.11 12.63
CA TYR A 440 -16.84 -1.13 13.34
C TYR A 440 -17.49 -1.12 14.74
N LEU A 441 -17.13 -0.10 15.50
CA LEU A 441 -17.57 0.15 16.87
C LEU A 441 -19.07 0.03 17.22
N VAL A 442 -19.94 0.66 16.42
CA VAL A 442 -21.37 0.67 16.70
C VAL A 442 -22.00 -0.69 16.98
N ASP A 443 -21.95 -1.60 16.01
CA ASP A 443 -22.54 -2.90 16.25
C ASP A 443 -21.70 -3.71 17.22
N GLN A 444 -20.52 -3.19 17.54
CA GLN A 444 -19.66 -3.83 18.51
C GLN A 444 -20.40 -3.62 19.81
N TRP A 445 -20.80 -2.37 20.02
CA TRP A 445 -21.53 -1.97 21.21
C TRP A 445 -22.85 -2.72 21.31
N ARG A 446 -23.61 -2.71 20.22
CA ARG A 446 -24.91 -3.36 20.19
C ARG A 446 -24.95 -4.86 20.38
N TRP A 447 -24.08 -5.62 19.71
CA TRP A 447 -24.11 -7.07 19.87
C TRP A 447 -23.99 -7.40 21.35
N GLY A 448 -23.31 -6.50 22.07
CA GLY A 448 -23.10 -6.68 23.49
C GLY A 448 -24.28 -6.27 24.34
N VAL A 449 -25.09 -5.35 23.85
CA VAL A 449 -26.28 -4.92 24.57
C VAL A 449 -27.31 -6.04 24.44
N PHE A 450 -27.45 -6.55 23.23
CA PHE A 450 -28.37 -7.64 22.90
C PHE A 450 -27.99 -8.91 23.62
N SER A 451 -26.71 -9.06 23.94
CA SER A 451 -26.26 -10.28 24.61
C SER A 451 -26.19 -10.15 26.13
N GLY A 452 -26.29 -8.93 26.63
CA GLY A 452 -26.28 -8.72 28.07
C GLY A 452 -24.92 -8.41 28.65
N ARG A 453 -23.94 -8.18 27.79
CA ARG A 453 -22.62 -7.88 28.28
C ARG A 453 -22.56 -6.40 28.58
N THR A 454 -23.57 -5.71 28.06
CA THR A 454 -23.71 -4.31 28.27
C THR A 454 -25.15 -4.03 28.68
N PRO A 455 -25.43 -4.16 30.00
CA PRO A 455 -26.79 -3.91 30.51
C PRO A 455 -27.03 -2.40 30.51
N PRO A 456 -28.28 -1.95 30.70
CA PRO A 456 -28.51 -0.51 30.72
C PRO A 456 -27.67 0.22 31.78
N SER A 457 -27.14 -0.56 32.72
CA SER A 457 -26.33 0.01 33.78
C SER A 457 -24.96 0.45 33.26
N ARG A 458 -24.63 0.03 32.03
CA ARG A 458 -23.35 0.38 31.40
C ARG A 458 -23.50 0.84 29.94
N TYR A 459 -24.70 1.29 29.57
CA TYR A 459 -24.94 1.75 28.22
C TYR A 459 -23.97 2.84 27.78
N ASN A 460 -23.83 3.90 28.58
CA ASN A 460 -22.93 4.97 28.19
C ASN A 460 -21.48 4.69 28.51
N PHE A 461 -21.24 3.99 29.61
CA PHE A 461 -19.89 3.66 29.98
C PHE A 461 -19.27 2.70 28.99
N ASP A 462 -20.06 1.83 28.36
CA ASP A 462 -19.47 0.91 27.37
C ASP A 462 -19.45 1.53 25.97
N TRP A 463 -20.22 2.59 25.77
CA TRP A 463 -20.24 3.28 24.49
C TRP A 463 -18.97 4.13 24.39
N TRP A 464 -18.64 4.89 25.43
CA TRP A 464 -17.43 5.71 25.36
C TRP A 464 -16.16 4.89 25.52
N TYR A 465 -16.31 3.64 25.97
CA TYR A 465 -15.15 2.79 26.05
C TYR A 465 -14.82 2.53 24.57
N LEU A 466 -15.80 2.06 23.83
CA LEU A 466 -15.61 1.74 22.43
C LEU A 466 -15.21 2.93 21.57
N ARG A 467 -15.82 4.09 21.80
CA ARG A 467 -15.54 5.30 21.03
C ARG A 467 -14.10 5.75 21.26
N THR A 468 -13.71 5.89 22.51
CA THR A 468 -12.33 6.30 22.80
C THR A 468 -11.43 5.25 22.19
N LYS A 469 -11.62 3.99 22.58
CA LYS A 469 -10.83 2.87 22.08
C LYS A 469 -10.61 2.83 20.58
N TYR A 470 -11.66 3.01 19.79
CA TYR A 470 -11.48 2.95 18.35
C TYR A 470 -11.28 4.29 17.63
N GLN A 471 -12.06 5.30 17.98
CA GLN A 471 -11.91 6.58 17.31
C GLN A 471 -10.90 7.50 17.95
N GLY A 472 -10.61 7.30 19.23
CA GLY A 472 -9.67 8.17 19.89
C GLY A 472 -10.24 9.55 20.01
N ILE A 473 -11.50 9.56 20.42
CA ILE A 473 -12.23 10.80 20.64
C ILE A 473 -12.85 10.70 22.01
N CYS A 474 -13.06 11.86 22.62
CA CYS A 474 -13.66 11.88 23.94
C CYS A 474 -14.76 12.94 23.95
N PRO A 475 -15.70 12.82 24.89
CA PRO A 475 -16.84 13.74 25.08
C PRO A 475 -16.37 15.09 25.59
N PRO A 476 -16.85 16.18 24.97
CA PRO A 476 -16.48 17.54 25.37
C PRO A 476 -16.97 18.00 26.75
N VAL A 477 -18.03 17.37 27.24
CA VAL A 477 -18.58 17.68 28.56
C VAL A 477 -18.69 16.33 29.26
N THR A 478 -18.80 16.34 30.58
CA THR A 478 -18.89 15.08 31.33
C THR A 478 -20.16 14.33 31.02
N ARG A 479 -20.12 13.00 31.21
CA ARG A 479 -21.30 12.17 30.94
C ARG A 479 -21.47 11.09 32.02
N ASN A 480 -22.68 10.56 32.15
CA ASN A 480 -22.95 9.48 33.10
C ASN A 480 -24.08 8.58 32.62
N GLU A 481 -24.47 7.64 33.47
CA GLU A 481 -25.44 6.62 33.09
C GLU A 481 -26.87 7.13 33.26
N THR A 482 -27.03 8.45 33.14
CA THR A 482 -28.32 9.03 32.78
C THR A 482 -28.35 9.44 31.31
N HIS A 483 -27.24 9.21 30.62
CA HIS A 483 -27.09 9.63 29.28
C HIS A 483 -27.21 8.44 28.34
N PHE A 484 -27.41 8.71 27.11
CA PHE A 484 -27.52 7.62 26.18
C PHE A 484 -27.08 8.12 24.83
N ASP A 485 -25.80 8.44 24.76
CA ASP A 485 -25.21 8.98 23.57
C ASP A 485 -25.29 8.06 22.35
N ALA A 486 -25.42 6.75 22.58
CA ALA A 486 -25.51 5.84 21.46
C ALA A 486 -26.86 6.09 20.80
N GLY A 487 -27.81 6.52 21.61
CA GLY A 487 -29.14 6.76 21.11
C GLY A 487 -29.29 8.02 20.27
N ALA A 488 -28.28 8.88 20.25
CA ALA A 488 -28.36 10.10 19.47
C ALA A 488 -27.94 9.86 18.03
N LYS A 489 -27.67 8.60 17.69
CA LYS A 489 -27.28 8.24 16.33
C LYS A 489 -28.45 7.58 15.60
N PHE A 490 -28.88 8.20 14.50
CA PHE A 490 -30.15 7.86 13.88
C PHE A 490 -30.41 6.35 13.96
N HIS A 491 -29.34 5.56 13.89
CA HIS A 491 -29.46 4.15 13.54
C HIS A 491 -29.85 3.31 14.75
N VAL A 492 -29.53 3.81 15.94
CA VAL A 492 -29.83 3.11 17.16
C VAL A 492 -31.32 3.16 17.50
N PRO A 493 -31.94 4.35 17.41
CA PRO A 493 -33.36 4.50 17.69
C PRO A 493 -34.17 3.79 16.62
N ASN A 494 -33.78 3.97 15.37
CA ASN A 494 -34.49 3.35 14.26
C ASN A 494 -34.02 1.95 13.96
N VAL A 495 -33.54 1.30 14.99
CA VAL A 495 -33.10 -0.09 14.87
C VAL A 495 -32.56 -0.53 13.50
N THR A 496 -31.39 -0.01 13.11
CA THR A 496 -30.78 -0.45 11.87
C THR A 496 -29.43 -1.03 12.24
N PRO A 497 -29.13 -2.23 11.72
CA PRO A 497 -27.86 -2.91 11.98
C PRO A 497 -26.79 -2.03 11.36
N TYR A 498 -25.60 -1.97 11.97
CA TYR A 498 -24.56 -1.09 11.44
C TYR A 498 -23.31 -1.79 10.85
N ILE A 499 -22.95 -2.97 11.35
CA ILE A 499 -21.75 -3.66 10.84
C ILE A 499 -21.72 -3.82 9.34
N ARG A 500 -22.79 -3.43 8.68
CA ARG A 500 -22.91 -3.54 7.24
C ARG A 500 -22.16 -2.39 6.57
N TYR A 501 -22.10 -1.25 7.25
CA TYR A 501 -21.42 -0.08 6.68
C TYR A 501 -19.90 -0.25 6.67
N PHE A 502 -19.41 -1.10 7.56
CA PHE A 502 -17.98 -1.39 7.65
C PHE A 502 -17.70 -2.27 6.45
N VAL A 503 -18.40 -3.40 6.38
CA VAL A 503 -18.26 -4.35 5.29
C VAL A 503 -18.30 -3.55 3.98
N SER A 504 -19.27 -2.66 3.91
CA SER A 504 -19.48 -1.81 2.76
C SER A 504 -18.23 -0.99 2.42
N PHE A 505 -17.71 -0.26 3.40
CA PHE A 505 -16.55 0.58 3.14
C PHE A 505 -15.32 -0.21 2.71
N VAL A 506 -15.23 -1.46 3.14
CA VAL A 506 -14.09 -2.26 2.73
C VAL A 506 -14.31 -2.89 1.36
N LEU A 507 -15.49 -3.43 1.09
CA LEU A 507 -15.69 -4.05 -0.20
C LEU A 507 -16.23 -3.16 -1.30
N GLN A 508 -16.24 -1.85 -1.08
CA GLN A 508 -16.72 -0.96 -2.11
C GLN A 508 -15.56 -0.76 -3.07
N PHE A 509 -14.35 -0.88 -2.55
CA PHE A 509 -13.16 -0.72 -3.36
C PHE A 509 -12.85 -2.01 -4.11
N GLN A 510 -13.22 -3.17 -3.55
CA GLN A 510 -12.98 -4.43 -4.24
C GLN A 510 -13.76 -4.32 -5.54
N PHE A 511 -14.95 -3.75 -5.43
CA PHE A 511 -15.83 -3.53 -6.57
C PHE A 511 -15.20 -2.51 -7.51
N HIS A 512 -14.73 -1.40 -6.95
CA HIS A 512 -14.12 -0.33 -7.73
C HIS A 512 -12.93 -0.85 -8.54
N GLU A 513 -12.18 -1.78 -7.97
CA GLU A 513 -11.03 -2.33 -8.68
C GLU A 513 -11.61 -3.21 -9.78
N ALA A 514 -12.36 -4.22 -9.38
CA ALA A 514 -12.97 -5.16 -10.31
C ALA A 514 -13.67 -4.50 -11.49
N LEU A 515 -14.38 -3.40 -11.23
CA LEU A 515 -15.09 -2.73 -12.31
C LEU A 515 -14.13 -1.97 -13.22
N CYS A 516 -13.16 -1.30 -12.61
CA CYS A 516 -12.19 -0.54 -13.40
C CYS A 516 -11.41 -1.47 -14.32
N LYS A 517 -11.22 -2.71 -13.90
CA LYS A 517 -10.50 -3.65 -14.72
C LYS A 517 -11.29 -3.97 -15.96
N GLU A 518 -12.57 -4.31 -15.82
CA GLU A 518 -13.35 -4.61 -17.02
C GLU A 518 -13.66 -3.42 -17.88
N ALA A 519 -13.66 -2.25 -17.27
CA ALA A 519 -13.90 -1.06 -18.04
C ALA A 519 -12.71 -1.00 -19.02
N GLY A 520 -11.57 -1.52 -18.58
CA GLY A 520 -10.39 -1.49 -19.41
C GLY A 520 -9.52 -0.30 -19.03
N TYR A 521 -9.70 0.17 -17.82
CA TYR A 521 -8.92 1.30 -17.33
C TYR A 521 -7.58 0.80 -16.86
N GLU A 522 -6.59 1.63 -17.10
CA GLU A 522 -5.29 1.38 -16.58
C GLU A 522 -4.78 2.74 -16.26
N GLY A 523 -4.09 2.70 -15.19
CA GLY A 523 -3.56 3.81 -14.54
C GLY A 523 -3.88 3.49 -13.11
N PRO A 524 -3.96 4.50 -12.27
CA PRO A 524 -4.14 4.29 -10.86
C PRO A 524 -5.57 4.07 -10.37
N LEU A 525 -5.71 3.11 -9.47
CA LEU A 525 -7.02 2.77 -8.97
C LEU A 525 -7.77 3.99 -8.47
N HIS A 526 -7.09 4.99 -7.89
CA HIS A 526 -7.82 6.13 -7.37
C HIS A 526 -8.08 7.24 -8.39
N GLN A 527 -7.78 6.99 -9.65
CA GLN A 527 -8.03 8.00 -10.66
C GLN A 527 -8.94 7.39 -11.72
N CYS A 528 -9.32 6.15 -11.49
CA CYS A 528 -10.20 5.45 -12.42
C CYS A 528 -11.60 6.03 -12.38
N ASP A 529 -12.26 6.00 -13.54
CA ASP A 529 -13.61 6.51 -13.66
C ASP A 529 -14.33 5.64 -14.67
N ILE A 530 -15.12 4.69 -14.17
CA ILE A 530 -15.84 3.77 -15.05
C ILE A 530 -17.00 4.41 -15.83
N TYR A 531 -17.03 5.74 -15.89
CA TYR A 531 -18.08 6.46 -16.61
C TYR A 531 -18.25 5.94 -18.06
N ARG A 532 -19.50 5.91 -18.51
CA ARG A 532 -19.87 5.44 -19.84
C ARG A 532 -19.33 4.07 -20.25
N SER A 533 -18.89 3.28 -19.29
CA SER A 533 -18.38 1.94 -19.60
C SER A 533 -19.46 0.88 -19.54
N THR A 534 -20.11 0.64 -20.67
CA THR A 534 -21.18 -0.36 -20.70
C THR A 534 -20.64 -1.74 -20.33
N LYS A 535 -19.34 -1.94 -20.53
CA LYS A 535 -18.72 -3.22 -20.20
C LYS A 535 -18.58 -3.39 -18.68
N ALA A 536 -18.22 -2.30 -17.99
CA ALA A 536 -18.10 -2.34 -16.54
C ALA A 536 -19.49 -2.55 -15.93
N GLY A 537 -20.44 -1.69 -16.30
CA GLY A 537 -21.79 -1.76 -15.79
C GLY A 537 -22.46 -3.12 -15.90
N ALA A 538 -22.18 -3.86 -16.96
CA ALA A 538 -22.78 -5.18 -17.17
C ALA A 538 -22.32 -6.18 -16.12
N LYS A 539 -21.11 -5.94 -15.63
CA LYS A 539 -20.48 -6.77 -14.63
C LYS A 539 -21.13 -6.59 -13.27
N LEU A 540 -21.50 -5.32 -13.03
CA LEU A 540 -22.11 -4.91 -11.79
C LEU A 540 -23.53 -5.43 -11.76
N ARG A 541 -24.24 -5.21 -12.86
CA ARG A 541 -25.62 -5.63 -12.86
C ARG A 541 -25.84 -7.13 -12.67
N LYS A 542 -24.85 -7.95 -12.99
CA LYS A 542 -25.01 -9.38 -12.84
C LYS A 542 -25.11 -9.65 -11.35
N VAL A 543 -24.38 -8.88 -10.54
CA VAL A 543 -24.40 -9.07 -9.10
C VAL A 543 -25.74 -8.57 -8.57
N LEU A 544 -26.19 -7.45 -9.13
CA LEU A 544 -27.45 -6.85 -8.72
C LEU A 544 -28.57 -7.85 -8.95
N GLN A 545 -28.72 -8.28 -10.20
CA GLN A 545 -29.77 -9.23 -10.53
C GLN A 545 -29.76 -10.53 -9.75
N ALA A 546 -28.86 -10.67 -8.78
CA ALA A 546 -28.81 -11.94 -8.05
C ALA A 546 -29.55 -11.93 -6.72
N GLY A 547 -29.71 -10.74 -6.15
CA GLY A 547 -30.41 -10.62 -4.88
C GLY A 547 -29.83 -11.54 -3.82
N SER A 548 -30.69 -12.32 -3.16
CA SER A 548 -30.24 -13.25 -2.13
C SER A 548 -30.33 -14.69 -2.66
N SER A 549 -30.49 -14.84 -3.97
CA SER A 549 -30.63 -16.16 -4.57
C SER A 549 -29.40 -17.05 -4.40
N ARG A 550 -28.24 -16.44 -4.64
CA ARG A 550 -26.92 -17.08 -4.56
C ARG A 550 -26.17 -16.55 -3.35
N PRO A 551 -25.20 -17.34 -2.80
CA PRO A 551 -24.39 -16.94 -1.63
C PRO A 551 -23.48 -15.77 -2.03
N TRP A 552 -23.38 -14.75 -1.18
CA TRP A 552 -22.56 -13.59 -1.53
C TRP A 552 -21.16 -14.04 -1.86
N GLN A 553 -20.68 -14.96 -1.06
CA GLN A 553 -19.33 -15.45 -1.25
C GLN A 553 -19.08 -16.02 -2.64
N GLU A 554 -20.15 -16.31 -3.39
CA GLU A 554 -20.02 -16.80 -4.75
C GLU A 554 -20.22 -15.63 -5.69
N VAL A 555 -21.28 -14.87 -5.45
CA VAL A 555 -21.56 -13.69 -6.29
C VAL A 555 -20.35 -12.74 -6.27
N LEU A 556 -19.59 -12.81 -5.18
CA LEU A 556 -18.40 -11.97 -5.05
C LEU A 556 -17.28 -12.54 -5.92
N LYS A 557 -17.03 -13.85 -5.79
CA LYS A 557 -15.98 -14.48 -6.59
C LYS A 557 -16.17 -14.19 -8.07
N ASP A 558 -17.36 -14.45 -8.60
CA ASP A 558 -17.62 -14.20 -10.01
C ASP A 558 -17.25 -12.77 -10.39
N MET A 559 -17.60 -11.82 -9.54
CA MET A 559 -17.32 -10.42 -9.85
C MET A 559 -15.92 -9.91 -9.54
N VAL A 560 -15.37 -10.29 -8.40
CA VAL A 560 -14.05 -9.81 -8.02
C VAL A 560 -12.92 -10.83 -8.10
N GLY A 561 -13.26 -12.10 -8.03
CA GLY A 561 -12.23 -13.13 -8.09
C GLY A 561 -11.84 -13.61 -6.70
N LEU A 562 -12.54 -13.10 -5.68
CA LEU A 562 -12.21 -13.49 -4.32
C LEU A 562 -13.38 -14.09 -3.54
N ASP A 563 -13.04 -15.08 -2.73
CA ASP A 563 -13.98 -15.78 -1.89
C ASP A 563 -14.45 -14.94 -0.70
N ALA A 564 -13.79 -13.82 -0.43
CA ALA A 564 -14.17 -12.99 0.72
C ALA A 564 -13.75 -11.53 0.70
N LEU A 565 -13.98 -10.86 1.82
CA LEU A 565 -13.62 -9.44 1.99
C LEU A 565 -12.10 -9.32 2.00
N ASP A 566 -11.59 -8.27 1.38
CA ASP A 566 -10.15 -8.06 1.28
C ASP A 566 -9.87 -6.56 1.35
N ALA A 567 -8.91 -6.17 2.19
CA ALA A 567 -8.60 -4.75 2.32
C ALA A 567 -7.49 -4.37 1.36
N GLN A 568 -6.89 -5.38 0.74
CA GLN A 568 -5.83 -5.14 -0.20
C GLN A 568 -6.15 -4.06 -1.24
N PRO A 569 -7.28 -4.24 -1.98
CA PRO A 569 -7.64 -3.22 -2.99
C PRO A 569 -7.93 -1.85 -2.43
N LEU A 570 -8.09 -1.79 -1.11
CA LEU A 570 -8.35 -0.53 -0.42
C LEU A 570 -7.02 0.16 -0.13
N LEU A 571 -6.05 -0.64 0.28
CA LEU A 571 -4.72 -0.16 0.59
C LEU A 571 -4.07 0.39 -0.69
N LYS A 572 -4.35 -0.29 -1.79
CA LYS A 572 -3.86 0.09 -3.12
C LYS A 572 -4.48 1.42 -3.55
N TYR A 573 -5.70 1.68 -3.11
CA TYR A 573 -6.39 2.92 -3.47
C TYR A 573 -5.70 4.13 -2.86
N PHE A 574 -5.58 4.12 -1.52
CA PHE A 574 -4.98 5.23 -0.79
C PHE A 574 -3.48 5.18 -0.71
N GLN A 575 -2.85 4.27 -1.46
CA GLN A 575 -1.44 4.15 -1.25
C GLN A 575 -0.55 5.34 -1.09
N PRO A 576 -0.66 6.29 -2.03
CA PRO A 576 0.19 7.47 -1.93
C PRO A 576 0.08 8.24 -0.62
N VAL A 577 -1.12 8.74 -0.32
CA VAL A 577 -1.32 9.50 0.89
C VAL A 577 -1.03 8.64 2.12
N THR A 578 -1.18 7.33 1.97
CA THR A 578 -0.92 6.40 3.08
C THR A 578 0.53 6.54 3.49
N GLN A 579 1.40 6.63 2.50
CA GLN A 579 2.81 6.76 2.78
C GLN A 579 3.12 8.20 3.14
N TRP A 580 2.42 9.13 2.49
CA TRP A 580 2.62 10.56 2.73
C TRP A 580 2.33 10.97 4.17
N LEU A 581 1.16 10.60 4.67
CA LEU A 581 0.77 10.92 6.04
C LEU A 581 1.78 10.34 7.01
N GLN A 582 2.04 9.07 6.81
CA GLN A 582 2.98 8.35 7.61
C GLN A 582 4.34 9.05 7.72
N GLU A 583 4.81 9.60 6.60
CA GLU A 583 6.09 10.30 6.57
C GLU A 583 5.97 11.64 7.28
N GLN A 584 4.82 12.28 7.11
CA GLN A 584 4.56 13.59 7.72
C GLN A 584 4.55 13.58 9.22
N ASN A 585 3.85 12.61 9.81
CA ASN A 585 3.73 12.51 11.26
C ASN A 585 5.06 12.29 11.92
N GLN A 586 5.81 11.34 11.37
CA GLN A 586 7.10 11.02 11.91
C GLN A 586 7.95 12.30 11.98
N GLN A 587 8.24 12.90 10.83
CA GLN A 587 9.06 14.09 10.87
C GLN A 587 8.56 15.05 11.94
N ASN A 588 7.28 15.39 11.91
CA ASN A 588 6.74 16.30 12.91
C ASN A 588 6.57 15.72 14.29
N GLY A 589 7.22 14.59 14.55
CA GLY A 589 7.16 13.98 15.87
C GLY A 589 5.82 13.60 16.51
N GLU A 590 4.76 13.48 15.72
CA GLU A 590 3.45 13.10 16.24
C GLU A 590 3.49 11.79 17.02
N VAL A 591 2.39 11.50 17.72
CA VAL A 591 2.28 10.26 18.48
C VAL A 591 1.04 9.54 17.96
N LEU A 592 1.24 8.40 17.31
CA LEU A 592 0.10 7.65 16.80
C LEU A 592 -0.66 7.07 17.99
N GLY A 593 -1.94 7.43 18.08
CA GLY A 593 -2.79 6.95 19.15
C GLY A 593 -2.98 7.92 20.32
N TRP A 594 -3.67 7.46 21.36
CA TRP A 594 -3.91 8.26 22.54
C TRP A 594 -3.42 7.50 23.75
N PRO A 595 -2.29 7.88 24.30
CA PRO A 595 -1.74 7.24 25.48
C PRO A 595 -2.34 7.88 26.71
N GLU A 596 -2.71 9.15 26.56
CA GLU A 596 -3.33 9.89 27.62
C GLU A 596 -4.84 9.75 27.56
N TYR A 597 -5.27 8.50 27.43
CA TYR A 597 -6.72 8.21 27.51
C TYR A 597 -7.13 8.82 28.85
N GLN A 598 -8.42 9.02 29.11
CA GLN A 598 -8.80 9.60 30.41
C GLN A 598 -8.74 11.13 30.40
N TRP A 599 -8.14 11.72 29.37
CA TRP A 599 -8.05 13.18 29.29
C TRP A 599 -9.31 13.78 28.69
N HIS A 600 -9.78 14.88 29.27
CA HIS A 600 -10.96 15.57 28.77
C HIS A 600 -10.72 17.07 28.72
N PRO A 601 -11.27 17.72 27.68
CA PRO A 601 -11.12 19.16 27.53
C PRO A 601 -11.99 19.87 28.54
N PRO A 602 -11.57 21.05 28.98
CA PRO A 602 -12.31 21.88 29.94
C PRO A 602 -13.39 22.65 29.21
N LEU A 603 -14.33 23.21 29.96
CA LEU A 603 -15.40 23.96 29.30
C LEU A 603 -14.96 25.31 28.88
N PRO A 604 -15.70 25.88 27.95
CA PRO A 604 -15.46 27.25 27.56
C PRO A 604 -15.54 28.07 28.85
N ASP A 605 -14.96 29.28 28.87
CA ASP A 605 -14.86 30.11 30.07
C ASP A 605 -16.10 30.32 30.97
N ASN A 606 -17.26 30.67 30.41
CA ASN A 606 -18.51 30.84 31.18
C ASN A 606 -19.50 29.91 30.46
N TYR A 607 -19.76 28.73 31.00
CA TYR A 607 -20.59 27.80 30.24
C TYR A 607 -22.02 27.66 30.74
N PRO A 608 -22.97 28.12 29.94
CA PRO A 608 -22.87 28.02 28.48
C PRO A 608 -23.39 29.24 27.76
N GLU A 609 -22.86 30.42 28.08
CA GLU A 609 -23.43 31.68 27.61
C GLU A 609 -22.42 32.50 26.82
N GLY A 610 -22.65 32.60 25.51
CA GLY A 610 -21.74 33.34 24.64
C GLY A 610 -22.38 33.55 23.26
N ILE A 611 -21.59 33.47 22.19
CA ILE A 611 -22.11 33.53 20.81
C ILE A 611 -22.52 32.11 20.51
N ASP A 612 -23.46 31.73 21.36
CA ASP A 612 -24.06 30.45 21.43
C ASP A 612 -23.09 29.45 22.06
N ASP B 2 49.38 -0.15 -31.89
CA ASP B 2 48.66 0.83 -32.69
C ASP B 2 48.66 0.45 -34.18
N PRO B 3 48.43 1.50 -34.98
CA PRO B 3 48.41 1.52 -36.46
C PRO B 3 47.12 1.08 -37.15
N GLY B 4 46.75 -0.15 -37.36
CA GLY B 4 45.46 -0.28 -38.00
C GLY B 4 44.41 0.45 -37.15
N LEU B 5 44.75 0.52 -35.86
CA LEU B 5 43.90 1.05 -34.79
C LEU B 5 43.59 2.53 -34.71
N GLN B 6 43.96 3.24 -35.75
CA GLN B 6 43.74 4.67 -35.78
C GLN B 6 42.65 5.14 -36.66
N PRO B 7 42.15 6.37 -36.41
CA PRO B 7 41.09 6.93 -37.22
C PRO B 7 41.59 7.50 -38.51
N GLY B 8 41.26 6.85 -39.62
CA GLY B 8 41.64 7.40 -40.91
C GLY B 8 40.89 8.70 -41.02
N ASN B 9 41.15 9.46 -42.08
CA ASN B 9 40.49 10.75 -42.26
C ASN B 9 39.10 10.59 -42.89
N PHE B 10 38.16 10.04 -42.11
CA PHE B 10 36.80 9.85 -42.58
C PHE B 10 36.20 11.23 -42.83
N SER B 11 35.55 11.36 -43.97
CA SER B 11 34.97 12.63 -44.38
C SER B 11 34.09 13.31 -43.35
N ALA B 12 33.91 14.56 -43.66
CA ALA B 12 33.08 15.47 -42.90
C ALA B 12 31.75 15.66 -43.58
N ASP B 13 30.96 14.63 -43.51
CA ASP B 13 29.56 14.64 -43.96
C ASP B 13 28.87 14.14 -42.73
N GLU B 14 27.64 13.68 -42.88
CA GLU B 14 26.94 13.09 -41.74
C GLU B 14 27.21 11.59 -41.82
N ALA B 15 27.05 11.02 -43.01
CA ALA B 15 27.34 9.63 -43.25
C ALA B 15 28.86 9.45 -43.35
N GLY B 16 29.60 10.53 -43.09
CA GLY B 16 31.04 10.47 -43.00
C GLY B 16 31.24 10.01 -41.57
N ALA B 17 30.42 10.58 -40.67
CA ALA B 17 30.47 10.23 -39.26
C ALA B 17 30.03 8.77 -39.13
N GLN B 18 29.15 8.39 -40.04
CA GLN B 18 28.67 7.03 -40.05
C GLN B 18 29.80 6.06 -40.31
N LEU B 19 30.46 6.28 -41.43
CA LEU B 19 31.61 5.47 -41.77
C LEU B 19 32.62 5.51 -40.63
N PHE B 20 32.68 6.66 -39.97
CA PHE B 20 33.57 6.87 -38.84
C PHE B 20 33.22 5.87 -37.75
N ALA B 21 31.99 5.95 -37.25
CA ALA B 21 31.49 5.07 -36.20
C ALA B 21 31.52 3.61 -36.62
N GLN B 22 31.39 3.37 -37.92
CA GLN B 22 31.41 2.02 -38.46
C GLN B 22 32.78 1.43 -38.14
N SER B 23 33.84 2.19 -38.44
CA SER B 23 35.22 1.79 -38.19
C SER B 23 35.56 1.77 -36.70
N TYR B 24 35.29 2.88 -36.01
CA TYR B 24 35.57 2.98 -34.57
C TYR B 24 35.24 1.67 -33.87
N ASN B 25 34.07 1.19 -34.16
CA ASN B 25 33.58 0.00 -33.54
C ASN B 25 34.47 -1.24 -33.72
N SER B 26 34.99 -1.39 -34.92
CA SER B 26 35.85 -2.51 -35.27
C SER B 26 37.20 -2.44 -34.59
N SER B 27 37.72 -1.23 -34.46
CA SER B 27 39.00 -1.01 -33.81
C SER B 27 38.79 -1.20 -32.31
N ALA B 28 37.70 -0.60 -31.81
CA ALA B 28 37.34 -0.64 -30.40
C ALA B 28 37.23 -2.04 -29.82
N GLU B 29 36.53 -2.92 -30.53
CA GLU B 29 36.37 -4.28 -30.07
C GLU B 29 37.71 -4.95 -29.77
N GLN B 30 38.74 -4.56 -30.48
CA GLN B 30 40.07 -5.13 -30.28
C GLN B 30 40.73 -4.59 -29.02
N VAL B 31 40.83 -3.27 -28.95
CA VAL B 31 41.44 -2.60 -27.81
C VAL B 31 40.65 -2.86 -26.52
N LEU B 32 39.34 -3.04 -26.64
CA LEU B 32 38.49 -3.32 -25.48
C LEU B 32 38.68 -4.78 -25.03
N PHE B 33 38.59 -5.72 -25.95
CA PHE B 33 38.83 -7.13 -25.60
C PHE B 33 40.20 -7.19 -24.92
N GLN B 34 41.15 -6.46 -25.47
CA GLN B 34 42.50 -6.42 -24.94
C GLN B 34 42.50 -6.03 -23.47
N SER B 35 41.88 -4.88 -23.17
CA SER B 35 41.83 -4.37 -21.82
C SER B 35 41.05 -5.25 -20.84
N VAL B 36 39.91 -5.78 -21.27
CA VAL B 36 39.08 -6.63 -20.43
C VAL B 36 39.75 -7.94 -20.07
N ALA B 37 40.51 -8.48 -21.02
CA ALA B 37 41.23 -9.74 -20.81
C ALA B 37 42.40 -9.46 -19.87
N ALA B 38 43.00 -8.29 -20.03
CA ALA B 38 44.10 -7.84 -19.19
C ALA B 38 43.63 -7.74 -17.75
N SER B 39 42.39 -7.31 -17.57
CA SER B 39 41.81 -7.19 -16.25
C SER B 39 41.40 -8.56 -15.73
N TRP B 40 40.78 -9.38 -16.58
CA TRP B 40 40.36 -10.71 -16.16
C TRP B 40 41.54 -11.51 -15.59
N ALA B 41 42.71 -11.33 -16.18
CA ALA B 41 43.90 -12.04 -15.72
C ALA B 41 44.26 -11.63 -14.30
N HIS B 42 44.18 -10.34 -14.01
CA HIS B 42 44.49 -9.78 -12.69
C HIS B 42 43.53 -10.25 -11.59
N ASP B 43 42.26 -9.86 -11.70
CA ASP B 43 41.24 -10.21 -10.70
C ASP B 43 41.12 -11.70 -10.42
N THR B 44 41.29 -12.52 -11.45
CA THR B 44 41.20 -13.96 -11.29
C THR B 44 42.48 -14.54 -10.70
N ASN B 45 43.53 -13.73 -10.64
CA ASN B 45 44.79 -14.16 -10.08
C ASN B 45 45.71 -12.98 -9.82
N ILE B 46 45.58 -12.42 -8.62
CA ILE B 46 46.35 -11.24 -8.25
C ILE B 46 47.85 -11.47 -8.03
N THR B 47 48.68 -10.94 -8.93
CA THR B 47 50.11 -11.00 -8.82
C THR B 47 50.57 -9.56 -8.86
N ALA B 48 51.77 -9.32 -9.35
CA ALA B 48 52.23 -7.97 -9.51
C ALA B 48 52.47 -7.79 -10.97
N GLU B 49 52.57 -8.94 -11.64
CA GLU B 49 52.79 -8.91 -13.07
C GLU B 49 51.51 -8.68 -13.85
N ASN B 50 50.51 -9.44 -13.51
CA ASN B 50 49.23 -9.28 -14.14
C ASN B 50 48.81 -7.85 -13.90
N ALA B 51 49.27 -7.28 -12.78
CA ALA B 51 48.95 -5.90 -12.41
C ALA B 51 49.64 -4.90 -13.33
N ARG B 52 50.87 -5.23 -13.71
CA ARG B 52 51.64 -4.38 -14.60
C ARG B 52 51.07 -4.54 -16.00
N ARG B 53 50.56 -5.74 -16.30
CA ARG B 53 49.97 -6.05 -17.60
C ARG B 53 48.65 -5.33 -17.76
N GLN B 54 47.82 -5.33 -16.74
CA GLN B 54 46.59 -4.56 -16.90
C GLN B 54 46.98 -3.10 -17.01
N GLU B 55 47.82 -2.62 -16.10
CA GLU B 55 48.23 -1.22 -16.15
C GLU B 55 48.72 -0.82 -17.53
N GLU B 56 49.18 -1.78 -18.32
CA GLU B 56 49.66 -1.48 -19.66
C GLU B 56 48.45 -1.36 -20.56
N ALA B 57 47.60 -2.39 -20.54
CA ALA B 57 46.37 -2.42 -21.35
C ALA B 57 45.56 -1.16 -21.10
N ALA B 58 45.62 -0.68 -19.86
CA ALA B 58 44.90 0.52 -19.46
C ALA B 58 45.47 1.74 -20.20
N LEU B 59 46.79 1.82 -20.27
CA LEU B 59 47.45 2.92 -20.97
C LEU B 59 47.12 2.82 -22.45
N LEU B 60 47.00 1.59 -22.91
CA LEU B 60 46.67 1.29 -24.30
C LEU B 60 45.31 1.88 -24.64
N SER B 61 44.30 1.48 -23.89
CA SER B 61 42.93 1.95 -24.08
C SER B 61 42.89 3.47 -24.01
N GLN B 62 43.59 4.03 -23.02
CA GLN B 62 43.60 5.47 -22.84
C GLN B 62 44.11 6.18 -24.09
N GLU B 63 45.06 5.55 -24.78
CA GLU B 63 45.61 6.12 -26.01
C GLU B 63 44.53 6.11 -27.07
N PHE B 64 43.98 4.92 -27.30
CA PHE B 64 42.93 4.69 -28.27
C PHE B 64 41.87 5.77 -28.20
N ALA B 65 41.17 5.81 -27.07
CA ALA B 65 40.10 6.77 -26.88
C ALA B 65 40.51 8.19 -27.17
N GLU B 66 41.81 8.48 -27.06
CA GLU B 66 42.22 9.84 -27.34
C GLU B 66 42.39 10.13 -28.81
N ALA B 67 42.95 9.18 -29.52
CA ALA B 67 43.12 9.32 -30.96
C ALA B 67 41.74 9.56 -31.53
N TRP B 68 40.89 8.54 -31.41
CA TRP B 68 39.52 8.61 -31.91
C TRP B 68 38.79 9.80 -31.34
N GLY B 69 38.75 9.88 -30.02
CA GLY B 69 38.09 10.96 -29.32
C GLY B 69 38.41 12.31 -29.96
N GLN B 70 39.70 12.58 -30.15
CA GLN B 70 40.13 13.85 -30.73
C GLN B 70 39.64 13.93 -32.17
N LYS B 71 39.69 12.80 -32.88
CA LYS B 71 39.20 12.77 -34.26
C LYS B 71 37.70 13.12 -34.28
N ALA B 72 36.88 12.27 -33.64
CA ALA B 72 35.45 12.51 -33.54
C ALA B 72 35.23 14.00 -33.33
N LYS B 73 35.90 14.55 -32.33
CA LYS B 73 35.80 15.98 -32.04
C LYS B 73 36.21 16.77 -33.29
N GLU B 74 37.46 16.58 -33.70
CA GLU B 74 38.00 17.27 -34.87
C GLU B 74 37.05 17.28 -36.05
N LEU B 75 36.56 16.10 -36.42
CA LEU B 75 35.66 15.96 -37.56
C LEU B 75 34.28 16.55 -37.35
N TYR B 76 33.67 16.20 -36.21
CA TYR B 76 32.35 16.72 -35.95
C TYR B 76 32.02 17.04 -34.49
N GLU B 77 32.16 18.30 -34.13
CA GLU B 77 31.60 18.82 -32.88
C GLU B 77 30.85 20.13 -33.11
N PRO B 78 30.88 20.62 -34.35
CA PRO B 78 29.90 21.59 -34.82
C PRO B 78 28.56 20.94 -35.15
N ILE B 79 28.56 19.63 -35.30
CA ILE B 79 27.35 18.90 -35.69
C ILE B 79 26.96 17.88 -34.62
N TRP B 80 26.53 16.70 -35.07
CA TRP B 80 26.57 15.51 -34.24
C TRP B 80 25.49 15.54 -33.16
N GLN B 81 25.43 16.65 -32.43
CA GLN B 81 24.22 17.01 -31.69
C GLN B 81 23.07 17.31 -32.64
N ASN B 82 23.39 17.57 -33.89
CA ASN B 82 22.39 17.86 -34.91
C ASN B 82 22.47 16.92 -36.10
N PHE B 83 22.51 15.62 -35.82
CA PHE B 83 22.54 14.60 -36.87
C PHE B 83 21.15 14.00 -36.98
N THR B 84 20.61 14.00 -38.20
CA THR B 84 19.28 13.45 -38.44
C THR B 84 19.10 12.15 -37.66
N ASP B 85 20.16 11.36 -37.62
CA ASP B 85 20.14 10.08 -36.92
C ASP B 85 20.40 10.22 -35.41
N PRO B 86 19.48 9.70 -34.59
CA PRO B 86 19.59 9.76 -33.12
C PRO B 86 20.62 8.79 -32.51
N GLN B 87 20.66 7.57 -33.03
CA GLN B 87 21.59 6.56 -32.51
C GLN B 87 23.04 6.89 -32.80
N LEU B 88 23.27 7.51 -33.94
CA LEU B 88 24.62 7.92 -34.34
C LEU B 88 25.08 8.98 -33.36
N ARG B 89 24.21 9.96 -33.12
CA ARG B 89 24.53 11.02 -32.17
C ARG B 89 24.97 10.38 -30.87
N ARG B 90 24.19 9.44 -30.37
CA ARG B 90 24.55 8.76 -29.12
C ARG B 90 25.98 8.18 -29.18
N ILE B 91 26.36 7.67 -30.35
CA ILE B 91 27.68 7.09 -30.53
C ILE B 91 28.79 8.14 -30.61
N ILE B 92 28.52 9.28 -31.22
CA ILE B 92 29.56 10.31 -31.33
C ILE B 92 29.91 10.92 -29.98
N GLY B 93 28.89 11.24 -29.19
CA GLY B 93 29.10 11.84 -27.89
C GLY B 93 29.82 10.90 -26.94
N ALA B 94 29.61 9.60 -27.13
CA ALA B 94 30.22 8.59 -26.27
C ALA B 94 31.69 8.38 -26.62
N VAL B 95 32.08 8.82 -27.81
CA VAL B 95 33.44 8.63 -28.26
C VAL B 95 34.25 9.89 -28.02
N ARG B 96 33.56 11.02 -27.87
CA ARG B 96 34.27 12.24 -27.62
C ARG B 96 34.39 12.45 -26.10
N THR B 97 34.07 11.40 -25.35
CA THR B 97 34.20 11.45 -23.90
C THR B 97 35.44 10.63 -23.55
N LEU B 98 36.60 11.27 -23.63
CA LEU B 98 37.89 10.61 -23.38
C LEU B 98 38.05 9.99 -21.99
N GLY B 99 37.54 10.66 -20.97
CA GLY B 99 37.67 10.11 -19.63
C GLY B 99 39.07 10.30 -19.10
N SER B 100 39.66 9.25 -18.55
CA SER B 100 41.01 9.39 -18.00
C SER B 100 42.06 9.65 -19.07
N ALA B 101 41.66 9.54 -20.33
CA ALA B 101 42.57 9.76 -21.46
C ALA B 101 42.98 11.23 -21.60
N ASN B 102 42.25 12.13 -20.97
CA ASN B 102 42.60 13.55 -21.02
C ASN B 102 43.78 13.83 -20.15
N LEU B 103 44.23 12.82 -19.43
CA LEU B 103 45.35 12.95 -18.50
C LEU B 103 46.66 12.64 -19.18
N PRO B 104 47.72 13.42 -18.87
CA PRO B 104 49.05 13.22 -19.46
C PRO B 104 49.59 11.82 -19.16
N LEU B 105 50.54 11.37 -19.98
CA LEU B 105 51.14 10.05 -19.80
C LEU B 105 51.41 9.72 -18.33
N ALA B 106 52.16 10.59 -17.67
CA ALA B 106 52.53 10.37 -16.29
C ALA B 106 51.35 10.24 -15.34
N LYS B 107 50.37 11.12 -15.48
CA LYS B 107 49.22 11.07 -14.61
C LYS B 107 48.36 9.86 -14.86
N ARG B 108 48.26 9.49 -16.13
CA ARG B 108 47.47 8.32 -16.48
C ARG B 108 48.01 7.16 -15.68
N GLN B 109 49.32 7.04 -15.64
CA GLN B 109 49.91 5.92 -14.93
C GLN B 109 49.66 5.95 -13.44
N GLN B 110 49.53 7.15 -12.92
CA GLN B 110 49.24 7.31 -11.48
C GLN B 110 47.81 6.83 -11.32
N TYR B 111 46.95 7.33 -12.19
CA TYR B 111 45.54 6.95 -12.17
C TYR B 111 45.43 5.43 -12.22
N ASN B 112 45.83 4.85 -13.36
CA ASN B 112 45.78 3.41 -13.56
C ASN B 112 46.41 2.65 -12.40
N ALA B 113 47.40 3.26 -11.74
CA ALA B 113 48.06 2.57 -10.64
C ALA B 113 47.27 2.73 -9.35
N LEU B 114 46.70 3.92 -9.14
CA LEU B 114 45.90 4.14 -7.95
C LEU B 114 44.74 3.17 -7.95
N LEU B 115 44.21 2.86 -9.13
CA LEU B 115 43.11 1.94 -9.22
C LEU B 115 43.50 0.51 -8.84
N SER B 116 44.56 -0.04 -9.43
CA SER B 116 44.94 -1.44 -9.11
C SER B 116 45.48 -1.60 -7.70
N ASN B 117 45.98 -0.54 -7.10
CA ASN B 117 46.52 -0.68 -5.76
C ASN B 117 45.44 -0.70 -4.74
N MET B 118 44.44 0.15 -4.94
CA MET B 118 43.30 0.20 -4.03
C MET B 118 42.60 -1.14 -4.06
N SER B 119 42.32 -1.61 -5.27
CA SER B 119 41.66 -2.90 -5.47
C SER B 119 42.48 -3.99 -4.80
N ARG B 120 43.79 -3.92 -4.93
CA ARG B 120 44.70 -4.89 -4.33
C ARG B 120 44.57 -4.84 -2.80
N ILE B 121 44.71 -3.65 -2.24
CA ILE B 121 44.62 -3.45 -0.80
C ILE B 121 43.32 -4.02 -0.20
N TYR B 122 42.20 -3.74 -0.86
CA TYR B 122 40.89 -4.20 -0.42
C TYR B 122 40.73 -5.71 -0.38
N SER B 123 41.07 -6.40 -1.47
CA SER B 123 40.97 -7.85 -1.56
C SER B 123 42.13 -8.60 -0.91
N THR B 124 42.93 -7.88 -0.12
CA THR B 124 44.06 -8.48 0.55
C THR B 124 43.97 -8.32 2.07
N ALA B 125 43.26 -7.27 2.52
CA ALA B 125 43.08 -6.98 3.96
C ALA B 125 42.64 -8.22 4.68
N LYS B 126 43.20 -8.40 5.86
CA LYS B 126 42.93 -9.58 6.69
C LYS B 126 42.70 -9.17 8.11
N VAL B 127 42.13 -10.05 8.90
CA VAL B 127 41.95 -9.72 10.31
C VAL B 127 42.62 -10.80 11.15
N CYS B 128 43.57 -10.42 11.99
CA CYS B 128 44.26 -11.38 12.85
C CYS B 128 43.82 -11.21 14.28
N LEU B 129 43.89 -12.28 15.06
CA LEU B 129 43.48 -12.27 16.46
C LEU B 129 44.72 -12.13 17.37
N PRO B 130 44.54 -11.53 18.58
CA PRO B 130 45.62 -11.35 19.55
C PRO B 130 46.51 -12.61 19.61
N ASN B 131 46.05 -13.64 18.90
CA ASN B 131 46.78 -14.87 18.76
C ASN B 131 47.58 -14.76 17.46
N LYS B 132 48.85 -14.39 17.63
CA LYS B 132 49.80 -14.17 16.54
C LYS B 132 50.31 -15.43 15.87
N THR B 133 49.72 -16.56 16.22
CA THR B 133 50.04 -17.82 15.54
C THR B 133 49.15 -17.73 14.31
N ALA B 134 49.59 -16.90 13.39
CA ALA B 134 48.91 -16.61 12.12
C ALA B 134 47.73 -17.53 11.85
N THR B 135 46.58 -16.91 11.77
CA THR B 135 45.33 -17.58 11.42
C THR B 135 44.35 -16.46 11.31
N CYS B 136 44.69 -15.52 10.44
CA CYS B 136 43.85 -14.32 10.22
C CYS B 136 42.67 -14.60 9.28
N TRP B 137 41.57 -13.87 9.47
CA TRP B 137 40.38 -14.05 8.65
C TRP B 137 40.28 -13.12 7.46
N SER B 138 39.71 -13.63 6.38
CA SER B 138 39.52 -12.85 5.16
C SER B 138 38.10 -12.33 5.19
N LEU B 139 37.73 -11.49 4.23
CA LEU B 139 36.36 -10.96 4.24
C LEU B 139 35.37 -12.01 3.85
N ASP B 140 35.74 -12.67 2.78
CA ASP B 140 34.88 -13.70 2.20
C ASP B 140 35.74 -14.94 2.26
N PRO B 141 35.32 -16.00 3.00
CA PRO B 141 34.13 -16.05 3.88
C PRO B 141 34.30 -15.91 5.35
N ASP B 142 35.53 -16.07 5.81
CA ASP B 142 35.68 -16.03 7.23
C ASP B 142 34.83 -15.05 7.98
N LEU B 143 34.95 -13.80 7.59
CA LEU B 143 34.23 -12.74 8.26
C LEU B 143 32.78 -12.62 7.93
N THR B 144 32.53 -12.71 6.63
CA THR B 144 31.21 -12.66 6.11
C THR B 144 30.34 -13.63 6.92
N ASN B 145 30.90 -14.79 7.29
CA ASN B 145 30.16 -15.80 8.06
C ASN B 145 29.99 -15.43 9.53
N ILE B 146 31.00 -14.77 10.09
CA ILE B 146 30.93 -14.38 11.49
C ILE B 146 29.83 -13.34 11.67
N LEU B 147 29.71 -12.46 10.67
CA LEU B 147 28.70 -11.43 10.71
C LEU B 147 27.37 -11.88 10.17
N ALA B 148 27.27 -13.15 9.80
CA ALA B 148 26.02 -13.64 9.26
C ALA B 148 25.35 -14.57 10.25
N SER B 149 26.15 -15.28 11.06
CA SER B 149 25.58 -16.23 12.01
C SER B 149 26.09 -16.17 13.44
N SER B 150 27.10 -15.36 13.70
CA SER B 150 27.59 -15.27 15.07
C SER B 150 26.63 -14.38 15.86
N ARG B 151 26.40 -14.73 17.11
CA ARG B 151 25.52 -13.96 17.98
C ARG B 151 26.23 -13.48 19.22
N SER B 152 27.56 -13.40 19.14
CA SER B 152 28.38 -12.93 20.24
C SER B 152 28.64 -11.46 19.97
N TYR B 153 28.19 -10.57 20.85
CA TYR B 153 28.38 -9.14 20.60
C TYR B 153 29.86 -8.85 20.43
N ALA B 154 30.68 -9.43 21.30
CA ALA B 154 32.14 -9.23 21.25
C ALA B 154 32.74 -9.70 19.92
N MET B 155 32.52 -10.96 19.56
CA MET B 155 33.08 -11.48 18.32
C MET B 155 32.62 -10.70 17.09
N LEU B 156 31.36 -10.27 17.11
CA LEU B 156 30.82 -9.49 16.00
C LEU B 156 31.54 -8.15 15.94
N LEU B 157 31.75 -7.53 17.10
CA LEU B 157 32.43 -6.24 17.17
C LEU B 157 33.87 -6.37 16.71
N PHE B 158 34.52 -7.47 17.09
CA PHE B 158 35.91 -7.72 16.71
C PHE B 158 36.09 -7.84 15.20
N ALA B 159 35.20 -8.58 14.55
CA ALA B 159 35.26 -8.74 13.10
C ALA B 159 34.87 -7.44 12.37
N TRP B 160 33.90 -6.72 12.92
CA TRP B 160 33.44 -5.47 12.31
C TRP B 160 34.55 -4.43 12.38
N GLU B 161 35.01 -4.17 13.60
CA GLU B 161 36.08 -3.20 13.79
C GLU B 161 37.30 -3.63 12.99
N GLY B 162 37.73 -4.87 13.21
CA GLY B 162 38.87 -5.41 12.51
C GLY B 162 38.87 -5.20 11.01
N TRP B 163 37.76 -5.54 10.36
CA TRP B 163 37.71 -5.37 8.91
C TRP B 163 37.84 -3.90 8.54
N HIS B 164 37.12 -3.05 9.26
CA HIS B 164 37.13 -1.62 9.01
C HIS B 164 38.44 -0.88 9.22
N ASN B 165 39.19 -1.31 10.23
CA ASN B 165 40.45 -0.67 10.46
C ASN B 165 41.42 -1.18 9.40
N ALA B 166 41.39 -2.49 9.18
CA ALA B 166 42.28 -3.12 8.23
C ALA B 166 42.10 -2.69 6.77
N ALA B 167 40.87 -2.42 6.37
CA ALA B 167 40.59 -2.06 4.98
C ALA B 167 40.61 -0.58 4.58
N GLY B 168 40.00 0.28 5.39
CA GLY B 168 39.93 1.69 5.06
C GLY B 168 41.10 2.60 5.41
N ILE B 169 41.77 2.32 6.52
CA ILE B 169 42.86 3.17 6.94
C ILE B 169 43.95 3.31 5.86
N PRO B 170 44.52 2.19 5.41
CA PRO B 170 45.58 2.25 4.40
C PRO B 170 45.10 2.73 3.05
N LEU B 171 43.80 2.68 2.82
CA LEU B 171 43.22 3.03 1.54
C LEU B 171 42.94 4.51 1.37
N LYS B 172 42.85 5.18 2.50
CA LYS B 172 42.53 6.60 2.48
C LYS B 172 43.43 7.53 1.69
N PRO B 173 44.73 7.50 1.98
CA PRO B 173 45.63 8.38 1.25
C PRO B 173 45.45 8.21 -0.27
N LEU B 174 45.22 6.97 -0.70
CA LEU B 174 45.04 6.70 -2.12
C LEU B 174 43.72 7.26 -2.71
N TYR B 175 42.60 7.10 -1.98
CA TYR B 175 41.31 7.58 -2.47
C TYR B 175 41.34 9.08 -2.74
N GLU B 176 42.14 9.82 -1.98
CA GLU B 176 42.24 11.26 -2.15
C GLU B 176 42.96 11.62 -3.44
N ASP B 177 44.04 10.90 -3.75
CA ASP B 177 44.78 11.16 -4.98
C ASP B 177 43.95 10.75 -6.20
N PHE B 178 43.30 9.59 -6.09
CA PHE B 178 42.45 9.07 -7.14
C PHE B 178 41.34 10.06 -7.45
N THR B 179 40.76 10.60 -6.39
CA THR B 179 39.67 11.55 -6.51
C THR B 179 40.09 12.81 -7.24
N ALA B 180 41.24 13.38 -6.89
CA ALA B 180 41.68 14.59 -7.55
C ALA B 180 41.93 14.37 -9.03
N LEU B 181 42.55 13.24 -9.36
CA LEU B 181 42.85 12.93 -10.75
C LEU B 181 41.61 12.65 -11.58
N SER B 182 40.71 11.87 -11.00
CA SER B 182 39.47 11.50 -11.68
C SER B 182 38.66 12.75 -12.01
N ASN B 183 38.87 13.81 -11.23
CA ASN B 183 38.17 15.05 -11.45
C ASN B 183 38.82 15.85 -12.55
N GLU B 184 40.14 15.98 -12.46
CA GLU B 184 40.93 16.68 -13.48
C GLU B 184 40.51 16.12 -14.81
N ALA B 185 40.55 14.79 -14.81
CA ALA B 185 40.22 14.03 -15.99
C ALA B 185 38.93 14.53 -16.61
N TYR B 186 37.82 14.22 -15.95
CA TYR B 186 36.50 14.59 -16.42
C TYR B 186 36.15 16.07 -16.50
N LYS B 187 36.86 16.92 -15.77
CA LYS B 187 36.55 18.34 -15.85
C LYS B 187 36.87 18.80 -17.27
N GLN B 188 37.65 17.99 -17.98
CA GLN B 188 38.02 18.32 -19.35
C GLN B 188 37.04 17.76 -20.36
N ASP B 189 36.08 16.99 -19.86
CA ASP B 189 35.03 16.42 -20.71
C ASP B 189 33.82 17.31 -20.59
N GLY B 190 33.94 18.37 -19.79
CA GLY B 190 32.85 19.30 -19.63
C GLY B 190 32.08 19.32 -18.32
N PHE B 191 32.27 18.31 -17.47
CA PHE B 191 31.53 18.27 -16.20
C PHE B 191 32.23 18.96 -15.03
N THR B 192 31.47 19.40 -14.03
CA THR B 192 32.04 20.06 -12.86
C THR B 192 32.98 19.14 -12.09
N ASP B 193 32.57 17.89 -11.93
CA ASP B 193 33.36 16.90 -11.22
C ASP B 193 32.94 15.50 -11.61
N THR B 194 33.68 14.48 -11.17
CA THR B 194 33.34 13.11 -11.52
C THR B 194 31.87 12.85 -11.21
N GLY B 195 31.42 13.37 -10.07
CA GLY B 195 30.05 13.17 -9.66
C GLY B 195 29.03 13.47 -10.76
N ALA B 196 29.21 14.60 -11.42
CA ALA B 196 28.28 15.01 -12.46
C ALA B 196 28.28 14.09 -13.67
N TYR B 197 29.41 13.46 -13.96
CA TYR B 197 29.50 12.57 -15.10
C TYR B 197 28.70 11.32 -14.78
N TRP B 198 28.91 10.81 -13.57
CA TRP B 198 28.19 9.63 -13.16
C TRP B 198 26.65 9.81 -13.26
N ARG B 199 26.14 10.88 -12.67
CA ARG B 199 24.71 11.15 -12.68
C ARG B 199 24.15 11.30 -14.09
N SER B 200 24.89 12.00 -14.94
CA SER B 200 24.47 12.26 -16.31
C SER B 200 24.05 11.03 -17.12
N TRP B 201 24.33 9.84 -16.60
CA TRP B 201 23.94 8.62 -17.32
C TRP B 201 22.44 8.38 -17.29
N TYR B 202 21.74 9.15 -16.48
CA TYR B 202 20.30 8.99 -16.39
C TYR B 202 19.54 10.07 -17.17
N ASN B 203 20.29 10.99 -17.77
CA ASN B 203 19.72 12.06 -18.56
C ASN B 203 18.41 12.58 -17.99
N SER B 204 18.51 13.32 -16.90
CA SER B 204 17.35 13.88 -16.23
C SER B 204 17.77 15.12 -15.45
N PRO B 205 17.28 16.30 -15.84
CA PRO B 205 17.64 17.54 -15.14
C PRO B 205 17.09 17.52 -13.73
N THR B 206 16.39 16.44 -13.40
CA THR B 206 15.76 16.29 -12.10
C THR B 206 16.16 15.05 -11.30
N PHE B 207 17.07 14.25 -11.85
CA PHE B 207 17.50 13.02 -11.19
C PHE B 207 17.63 13.11 -9.67
N GLU B 208 18.41 14.07 -9.19
CA GLU B 208 18.58 14.20 -7.75
C GLU B 208 17.30 14.51 -6.98
N ASP B 209 16.47 15.36 -7.56
CA ASP B 209 15.20 15.70 -6.94
C ASP B 209 14.25 14.53 -7.03
N ASP B 210 14.26 13.80 -8.13
CA ASP B 210 13.39 12.64 -8.28
C ASP B 210 13.72 11.57 -7.24
N LEU B 211 15.00 11.39 -6.94
CA LEU B 211 15.41 10.40 -5.95
C LEU B 211 15.11 10.86 -4.53
N GLU B 212 15.07 12.18 -4.31
CA GLU B 212 14.78 12.70 -2.98
C GLU B 212 13.31 12.40 -2.67
N HIS B 213 12.44 12.75 -3.62
CA HIS B 213 10.99 12.53 -3.50
C HIS B 213 10.75 11.02 -3.34
N LEU B 214 11.34 10.25 -4.23
CA LEU B 214 11.20 8.81 -4.23
C LEU B 214 11.50 8.19 -2.87
N TYR B 215 12.55 8.68 -2.21
CA TYR B 215 12.93 8.14 -0.92
C TYR B 215 11.96 8.59 0.15
N GLN B 216 11.38 9.78 -0.03
CA GLN B 216 10.40 10.33 0.90
C GLN B 216 9.29 9.29 1.10
N GLN B 217 8.83 8.72 -0.01
CA GLN B 217 7.77 7.73 0.00
C GLN B 217 8.17 6.44 0.70
N LEU B 218 9.34 5.91 0.37
CA LEU B 218 9.75 4.66 0.99
C LEU B 218 10.28 4.76 2.43
N GLU B 219 10.79 5.92 2.84
CA GLU B 219 11.35 6.07 4.19
C GLU B 219 10.53 5.48 5.32
N PRO B 220 9.20 5.63 5.26
CA PRO B 220 8.35 5.08 6.32
C PRO B 220 8.59 3.57 6.44
N LEU B 221 8.64 2.91 5.29
CA LEU B 221 8.88 1.48 5.21
C LEU B 221 10.08 1.10 6.05
N TYR B 222 11.20 1.76 5.79
CA TYR B 222 12.42 1.47 6.53
C TYR B 222 12.22 1.70 8.02
N LEU B 223 11.78 2.90 8.39
CA LEU B 223 11.57 3.22 9.80
C LEU B 223 10.75 2.16 10.54
N ASN B 224 9.77 1.57 9.86
CA ASN B 224 8.96 0.56 10.51
C ASN B 224 9.70 -0.78 10.63
N LEU B 225 10.42 -1.17 9.59
CA LEU B 225 11.17 -2.42 9.64
C LEU B 225 12.30 -2.24 10.66
N HIS B 226 12.88 -1.04 10.66
CA HIS B 226 13.97 -0.70 11.57
C HIS B 226 13.58 -0.74 13.06
N ALA B 227 12.49 -0.07 13.43
CA ALA B 227 12.07 -0.10 14.84
C ALA B 227 11.73 -1.53 15.22
N PHE B 228 11.08 -2.24 14.30
CA PHE B 228 10.68 -3.63 14.53
C PHE B 228 11.85 -4.55 14.82
N VAL B 229 12.90 -4.43 14.03
CA VAL B 229 14.09 -5.25 14.22
C VAL B 229 14.86 -4.84 15.47
N ARG B 230 14.96 -3.54 15.72
CA ARG B 230 15.68 -3.05 16.89
C ARG B 230 15.13 -3.71 18.14
N ARG B 231 13.81 -3.64 18.29
CA ARG B 231 13.13 -4.24 19.43
C ARG B 231 13.56 -5.70 19.57
N ALA B 232 13.77 -6.36 18.43
CA ALA B 232 14.17 -7.75 18.43
C ALA B 232 15.60 -7.86 18.92
N LEU B 233 16.47 -6.97 18.43
CA LEU B 233 17.85 -7.02 18.86
C LEU B 233 17.95 -6.71 20.35
N HIS B 234 17.07 -5.84 20.84
CA HIS B 234 17.05 -5.48 22.26
C HIS B 234 16.70 -6.71 23.09
N ARG B 235 15.73 -7.48 22.61
CA ARG B 235 15.32 -8.67 23.30
C ARG B 235 16.49 -9.66 23.45
N ARG B 236 17.30 -9.80 22.40
CA ARG B 236 18.43 -10.74 22.40
C ARG B 236 19.75 -10.22 23.03
N TYR B 237 20.14 -8.99 22.72
CA TYR B 237 21.40 -8.48 23.28
C TYR B 237 21.27 -7.73 24.59
N GLY B 238 20.06 -7.28 24.91
CA GLY B 238 19.87 -6.59 26.17
C GLY B 238 19.98 -5.08 26.20
N ASP B 239 19.32 -4.50 27.19
CA ASP B 239 19.27 -3.05 27.37
C ASP B 239 20.62 -2.33 27.35
N ARG B 240 21.69 -3.10 27.48
CA ARG B 240 23.00 -2.51 27.50
C ARG B 240 23.57 -2.10 26.15
N TYR B 241 23.32 -2.95 25.17
CA TYR B 241 23.86 -2.72 23.84
C TYR B 241 22.88 -2.22 22.80
N ILE B 242 21.60 -2.15 23.14
CA ILE B 242 20.64 -1.65 22.18
C ILE B 242 19.88 -0.51 22.83
N ASN B 243 19.67 0.58 22.10
CA ASN B 243 18.89 1.68 22.67
C ASN B 243 17.61 1.78 21.85
N LEU B 244 16.49 1.52 22.51
CA LEU B 244 15.19 1.53 21.85
C LEU B 244 14.83 2.86 21.29
N ARG B 245 15.63 3.85 21.64
CA ARG B 245 15.38 5.18 21.17
C ARG B 245 16.57 5.76 20.44
N GLY B 246 17.62 4.95 20.31
CA GLY B 246 18.81 5.40 19.63
C GLY B 246 19.03 4.61 18.37
N PRO B 247 20.12 4.84 17.63
CA PRO B 247 20.38 4.10 16.40
C PRO B 247 20.89 2.69 16.73
N ILE B 248 20.93 1.83 15.73
CA ILE B 248 21.40 0.46 15.94
C ILE B 248 22.89 0.31 15.72
N PRO B 249 23.56 -0.51 16.54
CA PRO B 249 25.00 -0.75 16.40
C PRO B 249 25.22 -1.41 15.03
N ALA B 250 26.03 -0.77 14.19
CA ALA B 250 26.29 -1.23 12.82
C ALA B 250 26.71 -2.68 12.57
N HIS B 251 27.04 -3.44 13.60
CA HIS B 251 27.47 -4.81 13.39
C HIS B 251 26.49 -5.90 13.84
N LEU B 252 25.23 -5.54 14.06
CA LEU B 252 24.26 -6.54 14.54
C LEU B 252 23.25 -6.98 13.51
N LEU B 253 23.20 -6.30 12.38
CA LEU B 253 22.24 -6.63 11.34
C LEU B 253 22.66 -7.77 10.43
N GLY B 254 23.56 -8.62 10.92
CA GLY B 254 24.00 -9.77 10.14
C GLY B 254 24.67 -9.53 8.79
N ASP B 255 25.35 -8.39 8.66
CA ASP B 255 26.07 -8.04 7.44
C ASP B 255 27.08 -6.97 7.77
N MET B 256 28.30 -7.12 7.26
CA MET B 256 29.41 -6.19 7.49
C MET B 256 29.00 -4.72 7.39
N TRP B 257 28.18 -4.42 6.39
CA TRP B 257 27.72 -3.06 6.14
C TRP B 257 26.29 -2.76 6.59
N ALA B 258 25.59 -3.76 7.11
CA ALA B 258 24.21 -3.60 7.53
C ALA B 258 23.36 -3.17 6.35
N GLN B 259 23.61 -3.76 5.18
CA GLN B 259 22.89 -3.35 3.99
C GLN B 259 21.74 -4.28 3.60
N SER B 260 21.69 -5.43 4.24
CA SER B 260 20.61 -6.40 4.03
C SER B 260 20.56 -7.19 5.33
N TRP B 261 19.36 -7.37 5.85
CA TRP B 261 19.19 -8.04 7.14
C TRP B 261 18.61 -9.45 7.15
N GLU B 262 18.46 -10.07 5.98
CA GLU B 262 17.88 -11.41 5.92
C GLU B 262 18.67 -12.45 6.70
N ASN B 263 19.92 -12.15 7.04
CA ASN B 263 20.75 -13.11 7.78
C ASN B 263 20.45 -13.12 9.24
N ILE B 264 19.39 -12.44 9.56
CA ILE B 264 19.08 -12.33 10.93
C ILE B 264 17.59 -12.56 11.08
N TYR B 265 17.11 -13.28 10.09
CA TYR B 265 15.72 -13.63 9.98
C TYR B 265 15.27 -14.41 11.21
N ASP B 266 16.09 -15.38 11.62
CA ASP B 266 15.76 -16.21 12.78
C ASP B 266 15.61 -15.45 14.11
N MET B 267 15.76 -14.14 14.10
CA MET B 267 15.61 -13.35 15.32
C MET B 267 14.43 -12.41 15.22
N VAL B 268 13.88 -12.28 14.03
CA VAL B 268 12.76 -11.37 13.83
C VAL B 268 11.53 -12.04 13.25
N VAL B 269 11.73 -13.20 12.60
CA VAL B 269 10.62 -13.92 11.99
C VAL B 269 9.40 -13.84 12.90
N PRO B 270 8.33 -13.18 12.41
CA PRO B 270 7.07 -12.99 13.11
C PRO B 270 6.49 -14.24 13.75
N PHE B 271 6.13 -15.23 12.92
CA PHE B 271 5.58 -16.48 13.42
C PHE B 271 6.53 -17.64 13.22
N PRO B 272 7.35 -17.92 14.24
CA PRO B 272 8.35 -18.99 14.29
C PRO B 272 7.75 -20.37 14.06
N ASP B 273 6.53 -20.56 14.56
CA ASP B 273 5.80 -21.80 14.44
C ASP B 273 5.96 -22.39 13.05
N LYS B 274 5.50 -21.63 12.06
CA LYS B 274 5.67 -22.05 10.68
C LYS B 274 7.15 -22.14 10.37
N PRO B 275 7.53 -23.18 9.63
CA PRO B 275 8.96 -23.45 9.35
C PRO B 275 9.45 -22.65 8.15
N ASN B 276 10.59 -23.05 7.60
CA ASN B 276 11.64 -22.10 7.23
C ASN B 276 11.43 -21.54 5.82
N LEU B 277 11.86 -20.29 5.62
CA LEU B 277 11.90 -19.70 4.29
C LEU B 277 13.32 -19.33 3.90
N ASP B 278 14.29 -20.03 4.48
CA ASP B 278 15.69 -19.85 4.12
C ASP B 278 16.00 -21.25 3.66
N VAL B 279 15.93 -21.49 2.37
CA VAL B 279 16.13 -22.86 1.84
C VAL B 279 17.57 -23.37 1.89
N THR B 280 18.47 -22.58 2.45
CA THR B 280 19.87 -22.94 2.52
C THR B 280 20.14 -24.41 2.85
N SER B 281 19.74 -24.82 4.05
CA SER B 281 19.97 -26.19 4.49
C SER B 281 19.32 -27.25 3.61
N THR B 282 18.22 -26.89 2.94
CA THR B 282 17.55 -27.83 2.06
C THR B 282 18.46 -28.05 0.85
N MET B 283 19.28 -27.05 0.54
CA MET B 283 20.22 -27.13 -0.58
C MET B 283 21.38 -28.05 -0.22
N LEU B 284 22.09 -27.71 0.85
CA LEU B 284 23.23 -28.51 1.28
C LEU B 284 22.88 -29.98 1.42
N GLN B 285 21.67 -30.25 1.91
CA GLN B 285 21.18 -31.61 2.13
C GLN B 285 20.96 -32.43 0.90
N GLN B 286 21.27 -31.89 -0.26
CA GLN B 286 21.15 -32.70 -1.46
C GLN B 286 22.29 -32.42 -2.39
N GLY B 287 23.43 -32.13 -1.77
CA GLY B 287 24.66 -31.85 -2.50
C GLY B 287 24.58 -30.85 -3.63
N TRP B 288 23.98 -29.71 -3.35
CA TRP B 288 23.86 -28.65 -4.32
C TRP B 288 25.23 -28.06 -4.66
N ASN B 289 25.54 -28.15 -5.94
CA ASN B 289 26.78 -27.73 -6.58
C ASN B 289 27.01 -26.27 -6.86
N ALA B 290 28.27 -25.84 -6.84
CA ALA B 290 28.50 -24.46 -7.20
C ALA B 290 28.09 -24.32 -8.68
N THR B 291 28.23 -25.39 -9.46
CA THR B 291 27.91 -25.36 -10.88
C THR B 291 26.43 -25.64 -11.14
N HIS B 292 25.83 -26.48 -10.30
CA HIS B 292 24.41 -26.81 -10.44
C HIS B 292 23.60 -25.55 -10.20
N MET B 293 24.09 -24.71 -9.28
CA MET B 293 23.42 -23.45 -8.98
C MET B 293 23.32 -22.58 -10.23
N PHE B 294 24.42 -22.39 -10.93
CA PHE B 294 24.42 -21.57 -12.14
C PHE B 294 23.59 -22.19 -13.27
N ARG B 295 23.37 -23.51 -13.21
CA ARG B 295 22.58 -24.18 -14.23
C ARG B 295 21.10 -24.15 -13.90
N VAL B 296 20.80 -23.75 -12.66
CA VAL B 296 19.42 -23.62 -12.21
C VAL B 296 18.98 -22.24 -12.65
N ALA B 297 19.91 -21.29 -12.55
CA ALA B 297 19.63 -19.92 -12.96
C ALA B 297 19.46 -19.92 -14.48
N GLU B 298 20.33 -20.66 -15.16
CA GLU B 298 20.24 -20.74 -16.61
C GLU B 298 18.90 -21.29 -16.99
N GLU B 299 18.56 -22.40 -16.38
CA GLU B 299 17.27 -23.02 -16.64
C GLU B 299 16.19 -21.93 -16.68
N PHE B 300 15.94 -21.29 -15.54
CA PHE B 300 14.92 -20.26 -15.48
C PHE B 300 14.94 -19.34 -16.70
N PHE B 301 16.10 -18.74 -16.99
CA PHE B 301 16.23 -17.84 -18.14
C PHE B 301 15.79 -18.40 -19.48
N THR B 302 16.01 -19.69 -19.70
CA THR B 302 15.64 -20.32 -20.96
C THR B 302 14.13 -20.51 -21.07
N SER B 303 13.50 -20.84 -19.96
CA SER B 303 12.05 -21.05 -19.91
C SER B 303 11.25 -19.84 -20.37
N LEU B 304 11.86 -18.66 -20.31
CA LEU B 304 11.21 -17.43 -20.75
C LEU B 304 11.61 -17.24 -22.20
N GLU B 305 12.27 -18.27 -22.73
CA GLU B 305 12.75 -18.26 -24.11
C GLU B 305 13.71 -17.12 -24.40
N LEU B 306 14.75 -17.06 -23.57
CA LEU B 306 15.84 -16.10 -23.71
C LEU B 306 16.99 -17.07 -23.99
N SER B 307 18.04 -16.62 -24.67
CA SER B 307 19.15 -17.51 -24.99
C SER B 307 19.88 -18.00 -23.75
N PRO B 308 20.47 -19.21 -23.83
CA PRO B 308 21.21 -19.80 -22.71
C PRO B 308 22.67 -19.33 -22.67
N MET B 309 23.37 -19.72 -21.60
CA MET B 309 24.76 -19.35 -21.42
C MET B 309 25.69 -20.11 -22.35
N PRO B 310 26.41 -19.40 -23.22
CA PRO B 310 27.38 -19.89 -24.23
C PRO B 310 28.48 -20.80 -23.68
N PRO B 311 29.04 -21.65 -24.54
CA PRO B 311 30.10 -22.55 -24.08
C PRO B 311 31.30 -21.78 -23.54
N GLU B 312 31.65 -20.68 -24.20
CA GLU B 312 32.78 -19.88 -23.75
C GLU B 312 32.55 -19.47 -22.31
N PHE B 313 31.28 -19.28 -21.94
CA PHE B 313 30.89 -18.89 -20.59
C PHE B 313 31.28 -19.98 -19.60
N TRP B 314 30.89 -21.21 -19.89
CA TRP B 314 31.20 -22.33 -19.02
C TRP B 314 32.69 -22.65 -19.04
N GLU B 315 33.33 -22.34 -20.16
CA GLU B 315 34.75 -22.58 -20.32
C GLU B 315 35.63 -21.65 -19.51
N GLY B 316 35.34 -20.35 -19.59
CA GLY B 316 36.14 -19.38 -18.87
C GLY B 316 35.71 -18.85 -17.51
N SER B 317 34.40 -18.78 -17.28
CA SER B 317 33.88 -18.27 -16.02
C SER B 317 34.49 -18.95 -14.79
N MET B 318 34.81 -18.17 -13.76
CA MET B 318 35.37 -18.68 -12.51
C MET B 318 34.19 -18.76 -11.54
N LEU B 319 33.57 -19.93 -11.43
CA LEU B 319 32.40 -20.08 -10.57
C LEU B 319 32.65 -20.57 -9.15
N GLU B 320 33.91 -20.72 -8.76
CA GLU B 320 34.28 -21.23 -7.45
C GLU B 320 35.56 -20.52 -7.02
N LYS B 321 35.89 -20.59 -5.73
CA LYS B 321 37.13 -19.98 -5.26
C LYS B 321 38.29 -20.96 -5.52
N PRO B 322 39.36 -20.51 -6.19
CA PRO B 322 40.54 -21.33 -6.52
C PRO B 322 40.99 -22.25 -5.40
N ALA B 323 41.45 -23.45 -5.78
CA ALA B 323 41.93 -24.44 -4.84
C ALA B 323 43.39 -24.16 -4.51
N ASP B 324 44.16 -23.85 -5.54
CA ASP B 324 45.58 -23.54 -5.43
C ASP B 324 45.82 -22.32 -4.54
N GLY B 325 44.73 -21.66 -4.15
CA GLY B 325 44.82 -20.50 -3.29
C GLY B 325 45.47 -19.24 -3.86
N ARG B 326 45.28 -18.97 -5.14
CA ARG B 326 45.86 -17.77 -5.75
C ARG B 326 44.93 -16.61 -5.47
N GLU B 327 45.37 -15.65 -4.67
CA GLU B 327 44.52 -14.53 -4.35
C GLU B 327 43.67 -14.14 -5.56
N VAL B 328 42.42 -13.74 -5.29
CA VAL B 328 41.52 -13.29 -6.33
C VAL B 328 40.51 -12.34 -5.75
N VAL B 329 39.85 -11.62 -6.63
CA VAL B 329 38.82 -10.68 -6.23
C VAL B 329 37.59 -11.59 -6.16
N CYS B 330 37.17 -11.95 -4.95
CA CYS B 330 36.03 -12.85 -4.77
C CYS B 330 34.68 -12.22 -5.00
N HIS B 331 34.63 -10.89 -5.02
CA HIS B 331 33.38 -10.23 -5.27
C HIS B 331 32.78 -10.72 -6.56
N ALA B 332 31.49 -11.04 -6.52
CA ALA B 332 30.78 -11.52 -7.70
C ALA B 332 30.79 -10.50 -8.84
N SER B 333 31.12 -10.94 -10.05
CA SER B 333 31.18 -10.04 -11.20
C SER B 333 30.75 -10.71 -12.51
N ALA B 334 30.22 -9.90 -13.42
CA ALA B 334 29.79 -10.36 -14.75
C ALA B 334 30.61 -9.61 -15.78
N TRP B 335 31.31 -10.37 -16.63
CA TRP B 335 32.20 -9.76 -17.62
C TRP B 335 31.80 -9.83 -19.09
N ASP B 336 31.85 -8.67 -19.73
CA ASP B 336 31.56 -8.57 -21.16
C ASP B 336 32.82 -8.18 -21.90
N PHE B 337 33.51 -9.18 -22.46
CA PHE B 337 34.75 -8.97 -23.19
C PHE B 337 34.61 -8.19 -24.50
N TYR B 338 33.45 -7.59 -24.73
CA TYR B 338 33.20 -6.80 -25.93
C TYR B 338 33.68 -7.40 -27.26
N ASN B 339 33.52 -8.71 -27.42
CA ASN B 339 33.94 -9.39 -28.64
C ASN B 339 32.81 -10.26 -29.17
N ARG B 340 31.59 -10.03 -28.66
CA ARG B 340 30.41 -10.79 -29.07
C ARG B 340 30.53 -12.30 -28.90
N LYS B 341 31.61 -12.77 -28.27
CA LYS B 341 31.76 -14.20 -28.12
C LYS B 341 32.23 -14.62 -26.73
N ASP B 342 32.66 -13.67 -25.91
CA ASP B 342 33.12 -14.03 -24.57
C ASP B 342 32.41 -13.28 -23.45
N PHE B 343 31.75 -14.05 -22.57
CA PHE B 343 31.02 -13.51 -21.42
C PHE B 343 31.23 -14.50 -20.30
N ARG B 344 31.68 -14.01 -19.15
CA ARG B 344 31.91 -14.87 -18.01
C ARG B 344 31.44 -14.22 -16.72
N ILE B 345 31.54 -14.97 -15.63
CA ILE B 345 31.14 -14.50 -14.32
C ILE B 345 32.18 -14.96 -13.32
N LYS B 346 32.72 -14.00 -12.59
CA LYS B 346 33.73 -14.26 -11.57
C LYS B 346 32.95 -14.21 -10.27
N GLN B 347 32.94 -15.29 -9.50
CA GLN B 347 32.20 -15.29 -8.23
C GLN B 347 32.52 -16.53 -7.41
N CYS B 348 33.13 -16.32 -6.24
CA CYS B 348 33.48 -17.41 -5.33
C CYS B 348 32.19 -17.95 -4.71
N THR B 349 31.27 -18.32 -5.57
CA THR B 349 29.95 -18.86 -5.16
C THR B 349 29.99 -19.89 -4.10
N ARG B 350 29.07 -19.82 -3.17
CA ARG B 350 29.04 -20.89 -2.21
C ARG B 350 27.68 -21.48 -2.20
N VAL B 351 27.35 -22.15 -1.11
CA VAL B 351 26.03 -22.78 -1.05
C VAL B 351 25.11 -22.09 -0.06
N THR B 352 24.44 -21.03 -0.50
CA THR B 352 23.50 -20.29 0.33
C THR B 352 22.36 -19.77 -0.55
N MET B 353 21.23 -19.44 0.05
CA MET B 353 20.12 -18.93 -0.73
C MET B 353 20.51 -17.56 -1.26
N ASP B 354 21.11 -16.74 -0.40
CA ASP B 354 21.57 -15.40 -0.80
C ASP B 354 22.42 -15.55 -2.04
N GLN B 355 23.30 -16.55 -1.99
CA GLN B 355 24.20 -16.82 -3.10
C GLN B 355 23.44 -17.08 -4.39
N LEU B 356 22.53 -18.06 -4.35
CA LEU B 356 21.74 -18.43 -5.52
C LEU B 356 21.09 -17.20 -6.13
N SER B 357 20.62 -16.27 -5.30
CA SER B 357 19.98 -15.06 -5.80
C SER B 357 21.06 -14.17 -6.43
N THR B 358 22.30 -14.29 -5.93
CA THR B 358 23.39 -13.51 -6.49
C THR B 358 23.75 -14.12 -7.85
N VAL B 359 23.51 -15.43 -7.97
CA VAL B 359 23.77 -16.13 -9.22
C VAL B 359 22.75 -15.65 -10.24
N HIS B 360 21.55 -15.32 -9.77
CA HIS B 360 20.52 -14.82 -10.66
C HIS B 360 20.87 -13.39 -11.06
N HIS B 361 21.26 -12.58 -10.07
CA HIS B 361 21.62 -11.18 -10.31
C HIS B 361 22.77 -11.09 -11.32
N GLU B 362 23.79 -11.92 -11.12
CA GLU B 362 24.94 -11.91 -12.00
C GLU B 362 24.58 -12.35 -13.40
N MET B 363 23.83 -13.45 -13.51
CA MET B 363 23.44 -13.96 -14.82
C MET B 363 22.54 -12.95 -15.57
N GLY B 364 21.77 -12.19 -14.80
CA GLY B 364 20.90 -11.21 -15.42
C GLY B 364 21.76 -10.28 -16.24
N HIS B 365 22.95 -10.01 -15.72
CA HIS B 365 23.90 -9.13 -16.40
C HIS B 365 24.29 -9.76 -17.73
N ILE B 366 24.70 -11.02 -17.68
CA ILE B 366 25.10 -11.75 -18.89
C ILE B 366 24.00 -11.67 -19.92
N GLN B 367 22.84 -12.22 -19.58
CA GLN B 367 21.72 -12.22 -20.48
C GLN B 367 21.58 -10.88 -21.20
N TYR B 368 21.82 -9.80 -20.46
CA TYR B 368 21.71 -8.46 -21.01
C TYR B 368 22.83 -8.27 -22.04
N TYR B 369 23.99 -8.85 -21.77
CA TYR B 369 25.14 -8.76 -22.67
C TYR B 369 24.84 -9.54 -23.97
N LEU B 370 24.31 -10.74 -23.81
CA LEU B 370 23.97 -11.61 -24.93
C LEU B 370 22.93 -10.98 -25.86
N GLN B 371 22.01 -10.20 -25.29
CA GLN B 371 20.95 -9.59 -26.08
C GLN B 371 21.31 -8.35 -26.87
N TYR B 372 22.31 -7.59 -26.43
CA TYR B 372 22.67 -6.39 -27.18
C TYR B 372 24.06 -6.42 -27.80
N LYS B 373 24.58 -7.62 -28.03
CA LYS B 373 25.90 -7.79 -28.65
C LYS B 373 25.78 -7.43 -30.13
N ASP B 374 24.54 -7.27 -30.60
CA ASP B 374 24.26 -6.94 -31.99
C ASP B 374 24.53 -5.48 -32.32
N LEU B 375 24.78 -4.70 -31.29
CA LEU B 375 24.97 -3.28 -31.47
C LEU B 375 26.42 -2.77 -31.50
N PRO B 376 26.59 -1.46 -31.78
CA PRO B 376 27.91 -0.87 -31.82
C PRO B 376 28.44 -0.90 -30.38
N VAL B 377 29.72 -1.14 -30.23
CA VAL B 377 30.35 -1.18 -28.92
C VAL B 377 29.79 -0.11 -28.00
N SER B 378 29.90 1.14 -28.43
CA SER B 378 29.45 2.28 -27.66
C SER B 378 28.07 2.16 -27.02
N LEU B 379 27.19 1.34 -27.60
CA LEU B 379 25.83 1.19 -27.09
C LEU B 379 25.52 -0.10 -26.33
N ARG B 380 26.46 -1.05 -26.30
CA ARG B 380 26.24 -2.31 -25.58
C ARG B 380 26.27 -2.03 -24.08
N ARG B 381 25.26 -1.27 -23.64
CA ARG B 381 25.08 -0.81 -22.27
C ARG B 381 23.63 -0.84 -21.81
N GLY B 382 23.38 -0.96 -20.50
CA GLY B 382 22.00 -0.97 -20.05
C GLY B 382 21.28 0.33 -20.42
N ALA B 383 19.95 0.32 -20.48
CA ALA B 383 19.19 1.54 -20.81
C ALA B 383 19.81 2.66 -20.01
N ASN B 384 20.14 2.33 -18.76
CA ASN B 384 20.82 3.20 -17.81
C ASN B 384 21.36 2.21 -16.79
N PRO B 385 22.48 2.53 -16.14
CA PRO B 385 23.10 1.65 -15.14
C PRO B 385 22.13 0.84 -14.30
N GLY B 386 21.02 1.46 -13.92
CA GLY B 386 20.02 0.80 -13.09
C GLY B 386 19.46 -0.44 -13.74
N PHE B 387 18.94 -0.31 -14.95
CA PHE B 387 18.34 -1.44 -15.67
C PHE B 387 19.17 -2.70 -15.53
N HIS B 388 20.48 -2.55 -15.57
CA HIS B 388 21.39 -3.68 -15.47
C HIS B 388 21.28 -4.44 -14.18
N GLU B 389 21.52 -3.77 -13.07
CA GLU B 389 21.46 -4.43 -11.76
C GLU B 389 20.05 -5.02 -11.54
N ALA B 390 19.08 -4.49 -12.26
CA ALA B 390 17.68 -4.90 -12.13
C ALA B 390 17.32 -6.24 -12.78
N ILE B 391 17.64 -6.41 -14.06
CA ILE B 391 17.32 -7.64 -14.77
C ILE B 391 17.31 -8.89 -13.89
N GLY B 392 18.46 -9.24 -13.35
CA GLY B 392 18.56 -10.43 -12.52
C GLY B 392 17.61 -10.52 -11.33
N ASP B 393 17.45 -9.43 -10.60
CA ASP B 393 16.59 -9.41 -9.42
C ASP B 393 15.14 -9.81 -9.75
N VAL B 394 14.60 -9.22 -10.81
CA VAL B 394 13.23 -9.50 -11.23
C VAL B 394 12.96 -11.00 -11.27
N LEU B 395 13.85 -11.73 -11.94
CA LEU B 395 13.69 -13.17 -12.03
C LEU B 395 13.82 -13.85 -10.67
N ALA B 396 14.73 -13.35 -9.84
CA ALA B 396 14.94 -13.93 -8.53
C ALA B 396 13.72 -13.73 -7.64
N LEU B 397 12.93 -12.70 -7.94
CA LEU B 397 11.72 -12.45 -7.16
C LEU B 397 10.81 -13.67 -7.30
N SER B 398 10.67 -14.18 -8.53
CA SER B 398 9.85 -15.36 -8.81
C SER B 398 10.43 -16.62 -8.21
N VAL B 399 11.76 -16.73 -8.18
CA VAL B 399 12.39 -17.91 -7.60
C VAL B 399 12.26 -17.89 -6.08
N SER B 400 12.23 -16.69 -5.50
CA SER B 400 12.10 -16.52 -4.05
C SER B 400 10.76 -17.02 -3.52
N THR B 401 9.74 -17.03 -4.38
CA THR B 401 8.40 -17.45 -4.00
C THR B 401 8.33 -18.92 -3.59
N PRO B 402 7.61 -19.20 -2.49
CA PRO B 402 7.42 -20.53 -1.94
C PRO B 402 6.81 -21.52 -2.93
N GLU B 403 6.03 -21.00 -3.87
CA GLU B 403 5.41 -21.84 -4.89
C GLU B 403 6.43 -22.34 -5.92
N HIS B 404 7.47 -21.55 -6.18
CA HIS B 404 8.49 -21.93 -7.15
C HIS B 404 9.52 -22.85 -6.50
N LEU B 405 9.84 -22.56 -5.24
CA LEU B 405 10.80 -23.37 -4.50
C LEU B 405 10.29 -24.80 -4.51
N HIS B 406 9.08 -25.00 -4.02
CA HIS B 406 8.48 -26.34 -4.00
C HIS B 406 8.45 -26.87 -5.43
N LYS B 407 8.05 -26.03 -6.37
CA LYS B 407 7.97 -26.43 -7.78
C LYS B 407 9.33 -26.98 -8.24
N ILE B 408 10.36 -26.77 -7.42
CA ILE B 408 11.61 -27.51 -7.55
C ILE B 408 11.87 -28.37 -6.31
N GLY B 409 13.12 -28.42 -5.88
CA GLY B 409 13.47 -28.99 -4.59
C GLY B 409 12.84 -28.70 -3.24
N LEU B 410 13.07 -27.49 -2.73
CA LEU B 410 13.71 -27.31 -1.44
C LEU B 410 12.50 -26.89 -0.60
N LEU B 411 11.31 -27.21 -1.10
CA LEU B 411 10.09 -26.87 -0.42
C LEU B 411 9.13 -27.96 -0.87
N ASP B 412 8.83 -28.85 0.08
CA ASP B 412 7.91 -29.93 -0.25
C ASP B 412 6.55 -29.64 0.36
N ARG B 413 6.54 -28.68 1.29
CA ARG B 413 5.32 -28.23 1.98
C ARG B 413 5.03 -26.74 1.67
N VAL B 414 4.17 -26.51 0.67
CA VAL B 414 3.75 -25.15 0.29
C VAL B 414 2.56 -24.81 1.17
N THR B 415 2.81 -24.14 2.28
CA THR B 415 1.76 -23.82 3.25
C THR B 415 0.50 -23.13 2.71
N ASN B 416 0.73 -21.91 2.23
CA ASN B 416 -0.32 -21.07 1.72
C ASN B 416 -1.17 -20.64 2.93
N ASP B 417 -0.50 -20.04 3.91
CA ASP B 417 -1.11 -19.56 5.16
C ASP B 417 -1.32 -18.05 5.10
N THR B 418 -1.61 -17.47 6.26
CA THR B 418 -1.74 -16.03 6.39
C THR B 418 -0.45 -15.68 7.09
N GLU B 419 -0.19 -16.36 8.22
CA GLU B 419 1.03 -16.12 8.98
C GLU B 419 2.30 -16.40 8.17
N SER B 420 2.30 -17.52 7.45
CA SER B 420 3.46 -17.87 6.65
C SER B 420 3.69 -16.93 5.50
N ASP B 421 2.69 -16.13 5.15
CA ASP B 421 2.84 -15.17 4.06
C ASP B 421 3.52 -13.92 4.65
N ILE B 422 3.25 -13.64 5.92
CA ILE B 422 3.84 -12.50 6.61
C ILE B 422 5.33 -12.80 6.72
N ASN B 423 5.65 -14.02 7.12
CA ASN B 423 7.03 -14.43 7.25
C ASN B 423 7.77 -14.15 5.95
N TYR B 424 7.26 -14.72 4.87
CA TYR B 424 7.87 -14.55 3.56
C TYR B 424 8.17 -13.09 3.31
N LEU B 425 7.12 -12.27 3.33
CA LEU B 425 7.27 -10.84 3.08
C LEU B 425 8.30 -10.16 3.98
N LEU B 426 8.30 -10.45 5.28
CA LEU B 426 9.27 -9.83 6.16
C LEU B 426 10.66 -10.15 5.64
N LYS B 427 10.87 -11.44 5.34
CA LYS B 427 12.16 -11.85 4.84
C LYS B 427 12.54 -11.07 3.60
N MET B 428 11.59 -10.93 2.69
CA MET B 428 11.88 -10.16 1.50
C MET B 428 12.16 -8.73 1.95
N ALA B 429 11.48 -8.28 3.00
CA ALA B 429 11.66 -6.93 3.51
C ALA B 429 13.08 -6.74 4.02
N LEU B 430 13.54 -7.73 4.77
CA LEU B 430 14.86 -7.71 5.38
C LEU B 430 15.96 -7.68 4.35
N GLU B 431 15.62 -7.97 3.11
CA GLU B 431 16.62 -8.02 2.10
C GLU B 431 16.46 -6.89 1.11
N LYS B 432 15.22 -6.56 0.84
CA LYS B 432 14.93 -5.51 -0.11
C LYS B 432 14.76 -4.16 0.57
N ILE B 433 13.82 -4.05 1.49
CA ILE B 433 13.59 -2.77 2.14
C ILE B 433 14.76 -2.25 2.96
N ALA B 434 15.38 -3.12 3.77
CA ALA B 434 16.52 -2.69 4.60
C ALA B 434 17.62 -1.97 3.81
N PHE B 435 17.80 -2.39 2.57
CA PHE B 435 18.82 -1.85 1.71
C PHE B 435 18.75 -0.41 1.30
N LEU B 436 17.54 -0.05 0.92
CA LEU B 436 17.31 1.28 0.34
C LEU B 436 18.02 2.50 0.87
N PRO B 437 18.04 2.66 2.21
CA PRO B 437 18.66 3.80 2.83
C PRO B 437 20.13 3.76 2.48
N PHE B 438 20.73 2.57 2.57
CA PHE B 438 22.16 2.44 2.28
C PHE B 438 22.49 2.61 0.81
N GLY B 439 21.63 2.11 -0.06
CA GLY B 439 21.86 2.20 -1.50
C GLY B 439 21.62 3.62 -2.03
N TYR B 440 21.08 4.49 -1.16
CA TYR B 440 20.78 5.87 -1.54
C TYR B 440 21.81 6.78 -0.91
N LEU B 441 22.30 6.30 0.22
CA LEU B 441 23.27 6.99 1.04
C LEU B 441 24.66 7.04 0.39
N VAL B 442 25.24 5.88 0.05
CA VAL B 442 26.58 5.73 -0.52
C VAL B 442 26.97 6.76 -1.57
N ASP B 443 26.24 6.83 -2.67
CA ASP B 443 26.67 7.74 -3.73
C ASP B 443 26.46 9.23 -3.46
N GLN B 444 25.65 9.60 -2.47
CA GLN B 444 25.56 11.03 -2.27
C GLN B 444 26.69 11.41 -1.34
N TRP B 445 27.37 10.40 -0.84
CA TRP B 445 28.53 10.65 -0.01
C TRP B 445 29.59 10.99 -1.05
N ARG B 446 29.78 10.09 -2.02
CA ARG B 446 30.77 10.29 -3.08
C ARG B 446 30.57 11.50 -3.95
N TRP B 447 29.33 11.95 -4.13
CA TRP B 447 29.14 13.14 -4.96
C TRP B 447 29.69 14.32 -4.18
N GLY B 448 29.61 14.22 -2.86
CA GLY B 448 30.10 15.27 -1.99
C GLY B 448 31.60 15.34 -1.98
N VAL B 449 32.23 14.17 -2.11
CA VAL B 449 33.68 14.08 -2.16
C VAL B 449 34.13 14.61 -3.51
N PHE B 450 33.57 14.09 -4.59
CA PHE B 450 33.91 14.54 -5.91
C PHE B 450 33.64 16.05 -6.06
N SER B 451 32.68 16.58 -5.30
CA SER B 451 32.33 18.00 -5.38
C SER B 451 33.16 18.90 -4.48
N GLY B 452 33.82 18.29 -3.49
CA GLY B 452 34.67 19.03 -2.58
C GLY B 452 34.00 19.44 -1.28
N ARG B 453 32.73 19.13 -1.22
CA ARG B 453 31.95 19.46 -0.05
C ARG B 453 32.33 18.62 1.16
N THR B 454 32.81 17.43 0.85
CA THR B 454 33.27 16.50 1.82
C THR B 454 34.72 16.28 1.42
N PRO B 455 35.64 17.06 2.02
CA PRO B 455 37.09 16.97 1.75
C PRO B 455 37.68 15.80 2.52
N PRO B 456 38.98 15.54 2.37
CA PRO B 456 39.43 14.38 3.17
C PRO B 456 39.32 14.61 4.67
N SER B 457 39.31 15.87 5.08
CA SER B 457 39.25 16.20 6.50
C SER B 457 37.92 15.89 7.17
N ARG B 458 36.96 15.38 6.39
CA ARG B 458 35.61 15.04 6.90
C ARG B 458 35.06 13.74 6.31
N TYR B 459 35.94 12.90 5.77
CA TYR B 459 35.52 11.65 5.15
C TYR B 459 34.63 10.75 6.01
N ASN B 460 35.05 10.52 7.26
CA ASN B 460 34.29 9.66 8.17
C ASN B 460 33.18 10.39 8.90
N PHE B 461 33.36 11.71 9.04
CA PHE B 461 32.40 12.57 9.71
C PHE B 461 31.11 12.60 8.89
N ASP B 462 31.24 12.85 7.59
CA ASP B 462 30.05 12.90 6.72
C ASP B 462 29.52 11.52 6.33
N TRP B 463 30.31 10.49 6.59
CA TRP B 463 29.89 9.13 6.28
C TRP B 463 28.85 8.80 7.35
N TRP B 464 29.27 8.89 8.61
CA TRP B 464 28.34 8.59 9.68
C TRP B 464 27.18 9.59 9.80
N TYR B 465 27.33 10.82 9.30
CA TYR B 465 26.19 11.72 9.34
C TYR B 465 25.16 11.00 8.45
N LEU B 466 25.61 10.60 7.27
CA LEU B 466 24.75 9.93 6.32
C LEU B 466 24.30 8.55 6.76
N ARG B 467 25.19 7.81 7.41
CA ARG B 467 24.83 6.47 7.85
C ARG B 467 23.79 6.54 8.95
N THR B 468 23.98 7.47 9.88
CA THR B 468 23.02 7.62 10.97
C THR B 468 21.78 8.32 10.42
N LYS B 469 21.98 9.31 9.54
CA LYS B 469 20.85 10.01 8.96
C LYS B 469 19.88 9.12 8.23
N TYR B 470 20.38 8.16 7.46
CA TYR B 470 19.50 7.27 6.71
C TYR B 470 19.27 5.89 7.28
N GLN B 471 20.34 5.11 7.46
CA GLN B 471 20.18 3.76 7.99
C GLN B 471 19.79 3.74 9.45
N GLY B 472 20.12 4.80 10.17
CA GLY B 472 19.79 4.86 11.58
C GLY B 472 20.60 3.83 12.35
N ILE B 473 21.88 3.71 11.98
CA ILE B 473 22.78 2.80 12.65
C ILE B 473 24.01 3.57 13.10
N CYS B 474 24.85 2.93 13.92
CA CYS B 474 26.03 3.60 14.43
C CYS B 474 27.19 2.66 14.77
N PRO B 475 28.42 3.16 14.69
CA PRO B 475 29.63 2.38 14.98
C PRO B 475 29.67 1.92 16.43
N PRO B 476 29.93 0.61 16.64
CA PRO B 476 30.02 -0.03 17.95
C PRO B 476 31.32 0.26 18.69
N VAL B 477 32.09 1.18 18.14
CA VAL B 477 33.38 1.57 18.69
C VAL B 477 33.66 3.00 18.18
N THR B 478 34.29 3.84 19.00
CA THR B 478 34.57 5.21 18.57
C THR B 478 35.32 5.25 17.23
N ARG B 479 35.06 6.27 16.41
CA ARG B 479 35.71 6.39 15.10
C ARG B 479 36.18 7.82 14.81
N ASN B 480 37.47 7.99 14.55
CA ASN B 480 38.09 9.30 14.23
C ASN B 480 38.25 9.50 12.74
N GLU B 481 38.74 10.69 12.37
CA GLU B 481 38.93 10.96 10.97
C GLU B 481 40.20 10.26 10.44
N THR B 482 40.84 9.44 11.27
CA THR B 482 42.03 8.74 10.78
C THR B 482 41.48 7.43 10.20
N HIS B 483 40.17 7.27 10.35
CA HIS B 483 39.46 6.11 9.83
C HIS B 483 38.85 6.45 8.48
N PHE B 484 38.54 5.40 7.73
CA PHE B 484 37.96 5.56 6.41
C PHE B 484 37.03 4.39 6.20
N ASP B 485 35.92 4.42 6.92
CA ASP B 485 34.94 3.35 6.87
C ASP B 485 34.23 3.23 5.52
N ALA B 486 34.14 4.34 4.78
CA ALA B 486 33.49 4.30 3.46
C ALA B 486 34.38 3.47 2.53
N GLY B 487 35.66 3.45 2.83
CA GLY B 487 36.58 2.72 1.98
C GLY B 487 36.53 1.23 2.22
N ALA B 488 35.81 0.79 3.23
CA ALA B 488 35.72 -0.62 3.57
C ALA B 488 34.67 -1.33 2.73
N LYS B 489 34.03 -0.58 1.83
CA LYS B 489 33.03 -1.15 0.94
C LYS B 489 33.60 -1.37 -0.45
N PHE B 490 33.55 -2.60 -0.90
CA PHE B 490 34.12 -2.96 -2.19
C PHE B 490 34.03 -1.86 -3.24
N HIS B 491 32.83 -1.30 -3.37
CA HIS B 491 32.50 -0.34 -4.39
C HIS B 491 33.21 1.00 -4.38
N VAL B 492 33.77 1.38 -3.24
CA VAL B 492 34.46 2.63 -3.14
C VAL B 492 35.85 2.51 -3.71
N PRO B 493 36.69 1.61 -3.15
CA PRO B 493 38.05 1.47 -3.68
C PRO B 493 38.08 0.88 -5.08
N ASN B 494 36.96 0.33 -5.52
CA ASN B 494 36.89 -0.23 -6.86
C ASN B 494 36.15 0.68 -7.80
N VAL B 495 35.99 1.93 -7.37
CA VAL B 495 35.34 2.95 -8.17
C VAL B 495 34.13 2.48 -8.97
N THR B 496 33.11 1.94 -8.30
CA THR B 496 31.91 1.48 -9.00
C THR B 496 30.71 2.27 -8.50
N PRO B 497 30.09 3.07 -9.38
CA PRO B 497 28.93 3.86 -8.94
C PRO B 497 27.96 3.00 -8.13
N TYR B 498 27.16 3.63 -7.27
CA TYR B 498 26.25 2.88 -6.42
C TYR B 498 24.77 3.23 -6.58
N ILE B 499 24.48 4.49 -6.94
CA ILE B 499 23.09 4.92 -7.07
C ILE B 499 22.34 4.04 -8.06
N ARG B 500 23.10 3.24 -8.78
CA ARG B 500 22.52 2.33 -9.74
C ARG B 500 21.75 1.26 -8.97
N TYR B 501 22.27 0.84 -7.82
CA TYR B 501 21.60 -0.20 -7.03
C TYR B 501 20.33 0.29 -6.35
N PHE B 502 20.25 1.58 -6.05
CA PHE B 502 19.05 2.10 -5.44
C PHE B 502 18.00 2.07 -6.54
N VAL B 503 18.27 2.76 -7.64
CA VAL B 503 17.35 2.79 -8.76
C VAL B 503 16.87 1.35 -9.02
N SER B 504 17.82 0.43 -9.05
CA SER B 504 17.57 -0.98 -9.30
C SER B 504 16.52 -1.62 -8.40
N PHE B 505 16.61 -1.40 -7.10
CA PHE B 505 15.65 -2.02 -6.20
C PHE B 505 14.24 -1.49 -6.43
N VAL B 506 14.14 -0.20 -6.74
CA VAL B 506 12.84 0.38 -6.97
C VAL B 506 12.24 -0.06 -8.29
N LEU B 507 12.91 0.20 -9.40
CA LEU B 507 12.30 -0.20 -10.67
C LEU B 507 12.33 -1.70 -10.96
N GLN B 508 12.75 -2.50 -9.98
CA GLN B 508 12.77 -3.94 -10.21
C GLN B 508 11.36 -4.48 -10.04
N PHE B 509 10.56 -3.79 -9.23
CA PHE B 509 9.18 -4.19 -9.01
C PHE B 509 8.29 -3.64 -10.12
N GLN B 510 8.76 -2.61 -10.81
CA GLN B 510 8.01 -2.06 -11.92
C GLN B 510 8.11 -3.12 -13.02
N PHE B 511 9.29 -3.74 -13.12
CA PHE B 511 9.52 -4.78 -14.10
C PHE B 511 8.67 -5.97 -13.69
N HIS B 512 8.82 -6.40 -12.45
CA HIS B 512 8.07 -7.54 -11.96
C HIS B 512 6.57 -7.43 -12.21
N GLU B 513 5.99 -6.28 -11.90
CA GLU B 513 4.56 -6.11 -12.10
C GLU B 513 4.29 -6.17 -13.58
N ALA B 514 5.00 -5.35 -14.34
CA ALA B 514 4.83 -5.30 -15.79
C ALA B 514 4.96 -6.68 -16.44
N LEU B 515 5.75 -7.56 -15.83
CA LEU B 515 5.94 -8.89 -16.39
C LEU B 515 4.88 -9.85 -15.87
N CYS B 516 4.43 -9.66 -14.64
CA CYS B 516 3.41 -10.55 -14.09
C CYS B 516 2.10 -10.30 -14.81
N LYS B 517 1.87 -9.06 -15.19
CA LYS B 517 0.67 -8.70 -15.92
C LYS B 517 0.73 -9.44 -17.25
N GLU B 518 1.74 -9.11 -18.06
CA GLU B 518 1.94 -9.73 -19.36
C GLU B 518 1.94 -11.27 -19.27
N ALA B 519 2.30 -11.80 -18.11
CA ALA B 519 2.32 -13.25 -17.93
C ALA B 519 0.93 -13.80 -17.69
N GLY B 520 -0.06 -12.91 -17.76
CA GLY B 520 -1.44 -13.30 -17.55
C GLY B 520 -1.72 -13.73 -16.13
N TYR B 521 -0.89 -13.28 -15.20
CA TYR B 521 -1.06 -13.63 -13.80
C TYR B 521 -2.17 -12.82 -13.13
N GLU B 522 -2.90 -13.48 -12.23
CA GLU B 522 -4.00 -12.86 -11.50
C GLU B 522 -3.85 -13.28 -10.04
N GLY B 523 -3.46 -12.33 -9.20
CA GLY B 523 -3.28 -12.62 -7.79
C GLY B 523 -2.34 -11.61 -7.18
N PRO B 524 -2.05 -11.70 -5.87
CA PRO B 524 -1.15 -10.78 -5.17
C PRO B 524 0.20 -10.71 -5.88
N LEU B 525 0.67 -9.49 -6.16
CA LEU B 525 1.95 -9.32 -6.85
C LEU B 525 3.13 -10.10 -6.25
N HIS B 526 3.20 -10.18 -4.93
CA HIS B 526 4.29 -10.88 -4.25
C HIS B 526 4.24 -12.41 -4.35
N GLN B 527 3.18 -12.94 -4.93
CA GLN B 527 3.06 -14.38 -5.07
C GLN B 527 3.19 -14.79 -6.53
N CYS B 528 3.46 -13.80 -7.38
CA CYS B 528 3.61 -14.04 -8.80
C CYS B 528 4.90 -14.80 -9.09
N ASP B 529 4.88 -15.57 -10.17
CA ASP B 529 6.02 -16.37 -10.57
C ASP B 529 5.96 -16.47 -12.08
N ILE B 530 6.77 -15.67 -12.76
CA ILE B 530 6.73 -15.65 -14.22
C ILE B 530 7.58 -16.71 -14.93
N TYR B 531 7.76 -17.81 -14.21
CA TYR B 531 8.49 -18.94 -14.72
C TYR B 531 7.75 -19.34 -15.98
N ARG B 532 8.50 -19.69 -17.02
CA ARG B 532 7.87 -20.20 -18.23
C ARG B 532 7.00 -19.33 -19.14
N SER B 533 6.70 -18.11 -18.70
CA SER B 533 5.89 -17.23 -19.50
C SER B 533 6.71 -16.66 -20.62
N THR B 534 6.36 -17.06 -21.83
CA THR B 534 7.05 -16.59 -23.01
C THR B 534 6.62 -15.17 -23.32
N LYS B 535 5.32 -14.89 -23.15
CA LYS B 535 4.80 -13.55 -23.41
C LYS B 535 5.60 -12.50 -22.66
N ALA B 536 5.93 -12.80 -21.41
CA ALA B 536 6.72 -11.90 -20.58
C ALA B 536 8.13 -11.85 -21.15
N GLY B 537 8.75 -13.03 -21.22
CA GLY B 537 10.10 -13.15 -21.73
C GLY B 537 10.32 -12.30 -22.96
N ALA B 538 9.35 -12.26 -23.85
CA ALA B 538 9.46 -11.48 -25.07
C ALA B 538 9.49 -10.00 -24.75
N LYS B 539 8.72 -9.63 -23.73
CA LYS B 539 8.62 -8.24 -23.32
C LYS B 539 9.86 -7.73 -22.63
N LEU B 540 10.59 -8.65 -22.01
CA LEU B 540 11.82 -8.30 -21.32
C LEU B 540 12.87 -8.15 -22.39
N ARG B 541 12.92 -9.15 -23.25
CA ARG B 541 13.92 -9.16 -24.29
C ARG B 541 13.77 -8.02 -25.27
N LYS B 542 12.72 -7.23 -25.11
CA LYS B 542 12.58 -6.14 -26.02
C LYS B 542 13.35 -4.97 -25.46
N VAL B 543 13.63 -5.04 -24.16
CA VAL B 543 14.36 -3.97 -23.51
C VAL B 543 15.85 -4.32 -23.50
N LEU B 544 16.15 -5.62 -23.43
CA LEU B 544 17.55 -6.04 -23.42
C LEU B 544 18.17 -5.70 -24.78
N GLN B 545 17.45 -6.03 -25.84
CA GLN B 545 17.89 -5.76 -27.18
C GLN B 545 18.04 -4.29 -27.50
N ALA B 546 17.53 -3.44 -26.61
CA ALA B 546 17.60 -2.01 -26.84
C ALA B 546 18.95 -1.43 -26.45
N GLY B 547 19.67 -2.17 -25.59
CA GLY B 547 20.96 -1.72 -25.12
C GLY B 547 20.83 -0.28 -24.67
N SER B 548 21.78 0.55 -25.11
CA SER B 548 21.83 1.96 -24.76
C SER B 548 21.31 2.84 -25.90
N SER B 549 20.82 2.19 -26.96
CA SER B 549 20.32 2.88 -28.15
C SER B 549 19.27 3.95 -27.89
N ARG B 550 18.15 3.53 -27.32
CA ARG B 550 17.03 4.43 -27.03
C ARG B 550 17.03 4.95 -25.58
N PRO B 551 16.46 6.16 -25.36
CA PRO B 551 16.38 6.79 -24.03
C PRO B 551 15.63 5.84 -23.10
N TRP B 552 16.21 5.56 -21.93
CA TRP B 552 15.57 4.63 -20.99
C TRP B 552 14.12 4.94 -20.72
N GLN B 553 13.81 6.22 -20.48
CA GLN B 553 12.43 6.59 -20.21
C GLN B 553 11.49 6.02 -21.26
N GLU B 554 11.90 6.06 -22.52
CA GLU B 554 11.06 5.52 -23.58
C GLU B 554 11.00 4.00 -23.50
N VAL B 555 12.13 3.36 -23.27
CA VAL B 555 12.17 1.91 -23.19
C VAL B 555 11.26 1.41 -22.06
N LEU B 556 11.20 2.19 -20.99
CA LEU B 556 10.37 1.85 -19.82
C LEU B 556 8.89 2.05 -20.16
N LYS B 557 8.55 3.20 -20.73
CA LYS B 557 7.16 3.47 -21.08
C LYS B 557 6.63 2.35 -21.96
N ASP B 558 7.52 1.71 -22.71
CA ASP B 558 7.16 0.62 -23.60
C ASP B 558 6.96 -0.67 -22.83
N MET B 559 7.75 -0.86 -21.77
CA MET B 559 7.68 -2.07 -20.99
C MET B 559 6.68 -2.06 -19.83
N VAL B 560 6.70 -0.99 -19.05
CA VAL B 560 5.80 -0.89 -17.91
C VAL B 560 4.64 0.03 -18.22
N GLY B 561 4.78 0.85 -19.27
CA GLY B 561 3.72 1.76 -19.62
C GLY B 561 3.84 3.06 -18.85
N LEU B 562 4.97 3.22 -18.19
CA LEU B 562 5.19 4.43 -17.41
C LEU B 562 6.47 5.14 -17.83
N ASP B 563 6.41 6.46 -17.80
CA ASP B 563 7.50 7.34 -18.20
C ASP B 563 8.66 7.47 -17.21
N ALA B 564 8.59 6.82 -16.05
CA ALA B 564 9.67 6.96 -15.08
C ALA B 564 9.63 5.98 -13.91
N LEU B 565 10.50 6.23 -12.93
CA LEU B 565 10.59 5.41 -11.71
C LEU B 565 9.36 5.68 -10.89
N ASP B 566 8.86 4.63 -10.25
CA ASP B 566 7.64 4.75 -9.48
C ASP B 566 7.71 3.74 -8.34
N ALA B 567 7.32 4.16 -7.14
CA ALA B 567 7.36 3.29 -5.98
C ALA B 567 6.08 2.47 -5.83
N GLN B 568 5.00 2.99 -6.38
CA GLN B 568 3.71 2.32 -6.28
C GLN B 568 3.81 0.79 -6.29
N PRO B 569 4.48 0.22 -7.30
CA PRO B 569 4.59 -1.24 -7.34
C PRO B 569 5.38 -1.86 -6.17
N LEU B 570 6.40 -1.16 -5.68
CA LEU B 570 7.16 -1.66 -4.54
C LEU B 570 6.16 -1.78 -3.38
N LEU B 571 5.52 -0.65 -3.08
CA LEU B 571 4.52 -0.51 -2.04
C LEU B 571 3.52 -1.65 -2.15
N LYS B 572 3.04 -1.86 -3.36
CA LYS B 572 2.09 -2.92 -3.66
C LYS B 572 2.63 -4.30 -3.37
N TYR B 573 3.93 -4.47 -3.51
CA TYR B 573 4.52 -5.78 -3.29
C TYR B 573 4.58 -6.11 -1.81
N PHE B 574 4.84 -5.09 -0.99
CA PHE B 574 4.99 -5.29 0.45
C PHE B 574 3.79 -5.00 1.36
N GLN B 575 2.69 -4.59 0.75
CA GLN B 575 1.49 -4.24 1.49
C GLN B 575 1.06 -4.98 2.74
N PRO B 576 0.91 -6.32 2.65
CA PRO B 576 0.48 -6.98 3.89
C PRO B 576 1.42 -6.77 5.06
N VAL B 577 2.72 -6.82 4.80
CA VAL B 577 3.67 -6.64 5.88
C VAL B 577 3.94 -5.18 6.20
N THR B 578 3.68 -4.29 5.23
CA THR B 578 3.88 -2.87 5.46
C THR B 578 2.96 -2.51 6.60
N GLN B 579 1.78 -3.11 6.53
CA GLN B 579 0.75 -2.87 7.52
C GLN B 579 0.85 -3.69 8.79
N TRP B 580 1.31 -4.92 8.64
CA TRP B 580 1.41 -5.78 9.78
C TRP B 580 2.48 -5.22 10.68
N LEU B 581 3.54 -4.65 10.08
CA LEU B 581 4.64 -4.07 10.85
C LEU B 581 4.16 -2.82 11.57
N GLN B 582 3.54 -1.92 10.80
CA GLN B 582 3.00 -0.69 11.35
C GLN B 582 2.12 -0.97 12.58
N GLU B 583 1.21 -1.93 12.45
CA GLU B 583 0.30 -2.24 13.57
C GLU B 583 1.06 -2.76 14.79
N GLN B 584 2.04 -3.64 14.55
CA GLN B 584 2.85 -4.20 15.63
C GLN B 584 3.57 -3.09 16.41
N ASN B 585 4.32 -2.26 15.68
CA ASN B 585 5.08 -1.19 16.31
C ASN B 585 4.27 -0.29 17.22
N GLN B 586 3.15 0.23 16.73
CA GLN B 586 2.32 1.12 17.54
C GLN B 586 1.76 0.41 18.76
N GLN B 587 1.32 -0.82 18.59
CA GLN B 587 0.78 -1.58 19.71
C GLN B 587 1.83 -1.74 20.79
N ASN B 588 3.08 -1.96 20.37
CA ASN B 588 4.17 -2.12 21.31
C ASN B 588 4.71 -0.77 21.74
N GLY B 589 4.22 0.28 21.10
CA GLY B 589 4.65 1.60 21.48
C GLY B 589 6.09 1.90 21.13
N GLU B 590 6.47 1.50 19.93
CA GLU B 590 7.82 1.74 19.50
C GLU B 590 7.97 3.15 18.95
N VAL B 591 9.18 3.70 19.06
CA VAL B 591 9.45 5.02 18.54
C VAL B 591 10.07 4.80 17.16
N LEU B 592 9.50 5.41 16.14
CA LEU B 592 10.05 5.27 14.82
C LEU B 592 11.16 6.31 14.68
N GLY B 593 12.36 5.86 14.33
CA GLY B 593 13.47 6.76 14.18
C GLY B 593 14.43 6.60 15.35
N TRP B 594 15.34 7.57 15.51
CA TRP B 594 16.32 7.54 16.58
C TRP B 594 16.58 8.95 17.09
N PRO B 595 15.75 9.42 18.04
CA PRO B 595 15.79 10.75 18.68
C PRO B 595 17.08 10.93 19.45
N GLU B 596 17.58 9.86 20.04
CA GLU B 596 18.83 9.95 20.78
C GLU B 596 19.97 9.71 19.79
N TYR B 597 19.97 10.52 18.72
CA TYR B 597 20.94 10.43 17.62
C TYR B 597 22.39 10.42 18.06
N GLN B 598 22.62 10.68 19.34
CA GLN B 598 23.96 10.72 19.87
C GLN B 598 24.48 9.40 20.45
N TRP B 599 23.58 8.57 20.93
CA TRP B 599 23.92 7.29 21.57
C TRP B 599 24.85 6.32 20.82
N HIS B 600 25.75 5.70 21.58
CA HIS B 600 26.70 4.70 21.09
C HIS B 600 26.78 3.58 22.12
N PRO B 601 26.88 2.31 21.68
CA PRO B 601 26.95 1.33 22.75
C PRO B 601 28.31 1.34 23.40
N PRO B 602 28.40 0.87 24.65
CA PRO B 602 29.67 0.83 25.35
C PRO B 602 30.43 -0.40 24.86
N LEU B 603 31.69 -0.51 25.27
CA LEU B 603 32.52 -1.66 24.91
C LEU B 603 32.17 -2.87 25.76
N PRO B 604 32.12 -4.05 25.13
CA PRO B 604 32.27 -5.31 25.85
C PRO B 604 33.26 -5.21 26.99
N ASP B 605 32.87 -5.67 28.18
CA ASP B 605 33.62 -5.47 29.42
C ASP B 605 35.11 -5.46 29.19
N ASN B 606 35.62 -6.63 28.83
CA ASN B 606 37.02 -6.73 28.56
C ASN B 606 37.18 -6.88 27.09
N TYR B 607 37.40 -5.75 26.42
CA TYR B 607 37.53 -5.96 25.02
C TYR B 607 38.83 -6.72 24.86
N PRO B 608 38.98 -7.32 23.68
CA PRO B 608 40.02 -8.31 23.55
C PRO B 608 39.75 -9.26 24.68
N GLU B 609 40.57 -10.26 24.76
CA GLU B 609 40.34 -11.24 25.77
C GLU B 609 38.95 -11.83 25.56
N GLY B 610 38.56 -11.93 24.27
CA GLY B 610 37.27 -12.47 23.86
C GLY B 610 37.45 -13.89 23.40
N ILE B 611 36.56 -14.32 22.51
CA ILE B 611 36.64 -15.70 22.05
C ILE B 611 36.69 -15.92 20.55
N ASP B 612 37.86 -16.37 20.12
CA ASP B 612 38.09 -16.69 18.72
C ASP B 612 39.06 -17.87 18.61
#